data_6GIS
#
_entry.id   6GIS
#
_cell.length_a   180.189
_cell.length_b   180.189
_cell.length_c   76.832
_cell.angle_alpha   90.00
_cell.angle_beta   90.00
_cell.angle_gamma   120.00
#
_symmetry.space_group_name_H-M   'H 3'
#
loop_
_entity.id
_entity.type
_entity.pdbx_description
1 polymer 'Proliferating cell nuclear antigen'
2 polymer "DNA (5'-D(P*AP*TP*AP*CP*GP*AP*TP*GP*GP*G)-3')"
3 polymer "DNA (5'-D(P*CP*CP*CP*AP*TP*CP*GP*TP*AP*T)-3')"
4 water water
#
loop_
_entity_poly.entity_id
_entity_poly.type
_entity_poly.pdbx_seq_one_letter_code
_entity_poly.pdbx_strand_id
1 'polypeptide(L)'
;HMFEARLVQGSILKKVLEALKDLINEACWDISSSGVNLQSMDSSHVSLVQLTLRSEGFDTYRCDRNLAMGVNLTSMSKIL
KCAGNEDIITLRAEDNADTLALVFEAPNQEKVSDYEMKLMDLDVEQLGIPEQEYSCVVKMPSGEFARICRDLSHIGDAVV
ISCAKDGVKFSASGELGNGNIKLSQTSNVDKEEEAVTIEMNEPVQLTFALRYLNFFTKATPLSSTVTLSMSADVPLVVEY
KIADMGHLKYYLAPKIEDEEGS
;
A,B,C
2 'polydeoxyribonucleotide' (DA)(DT)(DA)(DC)(DG)(DA)(DT)(DG)(DG)(DG) D
3 'polydeoxyribonucleotide' (DC)(DC)(DC)(DA)(DT)(DC)(DG)(DT)(DA)(DT) E
#
# COMPACT_ATOMS: atom_id res chain seq x y z
N MET A 2 9.87 42.80 2.90
CA MET A 2 9.55 41.36 2.69
C MET A 2 8.98 40.57 3.89
N PHE A 3 8.21 39.55 3.53
CA PHE A 3 7.75 38.53 4.46
C PHE A 3 8.73 37.38 4.39
N GLU A 4 9.11 36.83 5.53
CA GLU A 4 9.88 35.62 5.51
C GLU A 4 9.64 34.90 6.80
N ALA A 5 9.32 33.62 6.70
CA ALA A 5 9.09 32.79 7.85
C ALA A 5 9.87 31.50 7.67
N ARG A 6 10.72 31.15 8.64
CA ARG A 6 11.42 29.87 8.60
C ARG A 6 10.82 28.92 9.59
N LEU A 7 10.58 27.71 9.14
CA LEU A 7 9.95 26.65 9.90
C LEU A 7 10.89 25.43 9.92
N VAL A 8 11.49 25.12 11.06
CA VAL A 8 12.39 23.96 11.15
C VAL A 8 11.64 22.62 10.97
N GLN A 9 10.43 22.51 11.50
CA GLN A 9 9.53 21.34 11.29
C GLN A 9 8.64 21.58 10.08
N GLY A 10 9.21 21.41 8.89
CA GLY A 10 8.49 21.60 7.65
C GLY A 10 7.30 20.68 7.45
N SER A 11 7.31 19.53 8.14
CA SER A 11 6.23 18.55 8.03
C SER A 11 4.87 19.05 8.49
N ILE A 12 4.83 20.07 9.36
CA ILE A 12 3.58 20.72 9.77
C ILE A 12 2.92 21.39 8.59
N LEU A 13 3.71 22.16 7.86
CA LEU A 13 3.22 22.89 6.71
C LEU A 13 2.73 21.97 5.57
N LYS A 14 3.35 20.79 5.47
CA LYS A 14 2.94 19.77 4.52
C LYS A 14 1.66 19.21 4.95
N LYS A 15 1.53 18.97 6.25
CA LYS A 15 0.31 18.41 6.81
C LYS A 15 -0.89 19.37 6.77
N VAL A 16 -0.59 20.65 6.96
CA VAL A 16 -1.60 21.71 6.96
C VAL A 16 -2.19 21.78 5.56
N LEU A 17 -1.34 21.77 4.55
CA LEU A 17 -1.82 21.75 3.15
C LEU A 17 -2.52 20.46 2.71
N GLU A 18 -2.11 19.31 3.20
CA GLU A 18 -2.89 18.11 3.01
C GLU A 18 -4.29 18.22 3.61
N ALA A 19 -4.40 18.78 4.80
CA ALA A 19 -5.70 18.94 5.46
C ALA A 19 -6.63 19.98 4.82
N LEU A 20 -6.11 20.87 3.96
CA LEU A 20 -6.93 21.91 3.32
C LEU A 20 -7.24 21.64 1.86
N LYS A 21 -6.29 21.09 1.12
CA LYS A 21 -6.42 21.01 -0.35
C LYS A 21 -7.68 20.23 -0.80
N ASP A 22 -8.10 19.25 -0.03
CA ASP A 22 -9.27 18.50 -0.43
C ASP A 22 -10.52 19.34 -0.27
N LEU A 23 -10.48 20.27 0.68
CA LEU A 23 -11.60 21.14 1.00
C LEU A 23 -11.60 22.46 0.21
N ILE A 24 -10.44 23.02 -0.03
CA ILE A 24 -10.33 24.34 -0.68
C ILE A 24 -9.27 24.25 -1.73
N ASN A 25 -9.40 25.02 -2.81
CA ASN A 25 -8.36 25.06 -3.83
C ASN A 25 -7.60 26.39 -3.88
N GLU A 26 -8.24 27.45 -3.44
CA GLU A 26 -7.71 28.82 -3.55
C GLU A 26 -7.93 29.41 -2.18
N ALA A 27 -6.93 30.10 -1.67
CA ALA A 27 -7.12 30.83 -0.42
C ALA A 27 -6.13 31.95 -0.26
N CYS A 28 -6.59 32.99 0.39
CA CYS A 28 -5.81 34.15 0.70
C CYS A 28 -5.19 33.97 2.05
N TRP A 29 -3.87 33.96 2.08
CA TRP A 29 -3.12 33.89 3.32
C TRP A 29 -3.10 35.33 3.82
N ASP A 30 -3.52 35.54 5.06
CA ASP A 30 -3.46 36.84 5.67
C ASP A 30 -2.22 36.89 6.59
N ILE A 31 -1.15 37.46 6.04
CA ILE A 31 0.13 37.49 6.68
C ILE A 31 0.23 38.77 7.49
N SER A 32 0.65 38.68 8.75
CA SER A 32 0.97 39.87 9.56
C SER A 32 1.97 39.55 10.67
N SER A 33 2.40 40.57 11.40
CA SER A 33 3.35 40.40 12.52
C SER A 33 2.88 39.36 13.58
N SER A 34 1.59 39.27 13.82
CA SER A 34 1.08 38.29 14.75
C SER A 34 1.25 36.94 14.15
N GLY A 35 1.18 36.84 12.84
CA GLY A 35 1.40 35.58 12.14
C GLY A 35 0.51 35.37 10.90
N VAL A 36 0.28 34.10 10.57
CA VAL A 36 -0.43 33.72 9.39
C VAL A 36 -1.80 33.28 9.77
N ASN A 37 -2.77 33.79 9.04
CA ASN A 37 -4.14 33.45 9.23
C ASN A 37 -4.75 33.14 7.88
N LEU A 38 -5.61 32.17 7.83
CA LEU A 38 -6.27 31.79 6.59
C LEU A 38 -7.68 31.36 6.89
N GLN A 39 -8.63 31.77 6.07
CA GLN A 39 -10.07 31.58 6.38
C GLN A 39 -10.89 31.52 5.15
N SER A 40 -11.61 30.44 4.94
CA SER A 40 -12.14 30.16 3.61
C SER A 40 -13.21 29.10 3.65
N MET A 41 -14.23 29.25 2.82
CA MET A 41 -15.28 28.26 2.72
C MET A 41 -14.94 27.28 1.65
N ASP A 42 -15.45 26.05 1.81
CA ASP A 42 -15.39 25.05 0.75
C ASP A 42 -16.13 25.57 -0.49
N SER A 43 -15.76 25.00 -1.64
CA SER A 43 -16.39 25.29 -2.93
C SER A 43 -17.91 25.45 -2.87
N SER A 44 -18.58 24.67 -2.04
CA SER A 44 -20.04 24.69 -1.88
C SER A 44 -20.61 25.57 -0.75
N HIS A 45 -19.77 26.32 -0.05
CA HIS A 45 -20.22 27.14 1.10
C HIS A 45 -21.00 26.44 2.19
N VAL A 46 -20.71 25.15 2.37
CA VAL A 46 -21.31 24.32 3.41
C VAL A 46 -20.45 24.42 4.66
N SER A 47 -19.13 24.55 4.45
CA SER A 47 -18.18 24.54 5.56
C SER A 47 -17.10 25.60 5.38
N LEU A 48 -16.52 26.00 6.49
CA LEU A 48 -15.57 27.08 6.55
C LEU A 48 -14.43 26.52 7.34
N VAL A 49 -13.22 26.75 6.86
CA VAL A 49 -12.01 26.35 7.58
C VAL A 49 -11.25 27.61 8.00
N GLN A 50 -10.67 27.59 9.17
CA GLN A 50 -9.87 28.69 9.64
C GLN A 50 -8.50 28.21 10.21
N LEU A 51 -7.41 28.54 9.50
CA LEU A 51 -6.04 28.24 9.96
C LEU A 51 -5.37 29.39 10.74
N THR A 52 -4.80 29.11 11.90
CA THR A 52 -3.97 30.04 12.63
C THR A 52 -2.54 29.43 12.85
N LEU A 53 -1.51 30.13 12.43
CA LEU A 53 -0.13 29.82 12.75
C LEU A 53 0.46 31.09 13.33
N ARG A 54 0.79 31.07 14.61
CA ARG A 54 1.31 32.25 15.27
C ARG A 54 2.77 32.47 14.90
N SER A 55 3.18 33.73 14.89
CA SER A 55 4.54 34.07 14.59
C SER A 55 5.60 33.33 15.47
N GLU A 56 5.23 33.02 16.71
CA GLU A 56 6.15 32.50 17.69
C GLU A 56 6.38 31.02 17.46
N GLY A 57 5.49 30.39 16.72
CA GLY A 57 5.68 29.01 16.29
C GLY A 57 6.74 28.85 15.23
N PHE A 58 6.99 29.89 14.46
CA PHE A 58 8.06 29.84 13.50
C PHE A 58 9.41 30.05 14.15
N ASP A 59 10.44 29.56 13.52
CA ASP A 59 11.83 29.74 14.00
C ASP A 59 12.36 31.16 13.72
N THR A 60 11.80 31.77 12.71
CA THR A 60 12.14 33.09 12.30
C THR A 60 10.84 33.60 11.68
N TYR A 61 10.47 34.85 11.94
CA TYR A 61 9.28 35.42 11.34
C TYR A 61 9.49 36.91 11.18
N ARG A 62 9.48 37.40 9.96
CA ARG A 62 9.67 38.79 9.67
C ARG A 62 8.53 39.17 8.77
N CYS A 63 7.74 40.17 9.16
CA CYS A 63 6.67 40.67 8.33
C CYS A 63 6.69 42.17 8.27
N ASP A 64 7.31 42.72 7.24
CA ASP A 64 7.51 44.15 7.18
C ASP A 64 6.19 44.90 7.06
N ARG A 65 5.38 44.47 6.12
CA ARG A 65 4.04 44.99 5.87
C ARG A 65 3.03 43.85 5.82
N ASN A 66 1.80 44.06 6.25
CA ASN A 66 0.81 43.00 6.16
C ASN A 66 0.55 42.67 4.70
N LEU A 67 0.39 41.40 4.34
CA LEU A 67 -0.03 41.07 2.98
C LEU A 67 -1.20 40.18 2.97
N ALA A 68 -1.81 40.14 1.81
CA ALA A 68 -2.84 39.23 1.51
C ALA A 68 -2.32 38.42 0.33
N MET A 69 -1.71 37.28 0.58
CA MET A 69 -1.25 36.37 -0.47
C MET A 69 -2.33 35.44 -0.89
N GLY A 70 -2.70 35.48 -2.17
CA GLY A 70 -3.66 34.55 -2.75
C GLY A 70 -2.85 33.42 -3.32
N VAL A 71 -3.11 32.22 -2.85
CA VAL A 71 -2.32 31.06 -3.16
C VAL A 71 -3.23 29.94 -3.62
N ASN A 72 -2.88 29.31 -4.74
CA ASN A 72 -3.53 28.07 -5.12
C ASN A 72 -3.05 26.91 -4.23
N LEU A 73 -3.95 26.36 -3.42
CA LEU A 73 -3.55 25.37 -2.43
C LEU A 73 -3.14 24.06 -3.10
N THR A 74 -3.73 23.79 -4.27
CA THR A 74 -3.42 22.61 -5.00
C THR A 74 -1.97 22.67 -5.49
N SER A 75 -1.61 23.79 -6.10
CA SER A 75 -0.23 23.99 -6.54
C SER A 75 0.75 23.96 -5.38
N MET A 76 0.37 24.58 -4.25
CA MET A 76 1.27 24.69 -3.13
C MET A 76 1.48 23.36 -2.45
N SER A 77 0.44 22.53 -2.41
CA SER A 77 0.58 21.16 -1.88
C SER A 77 1.52 20.32 -2.76
N LYS A 78 1.36 20.40 -4.08
CA LYS A 78 2.27 19.75 -5.02
C LYS A 78 3.72 20.18 -4.79
N ILE A 79 3.94 21.47 -4.69
CA ILE A 79 5.27 21.99 -4.42
C ILE A 79 5.78 21.50 -3.06
N LEU A 80 4.89 21.32 -2.07
CA LEU A 80 5.33 20.84 -0.75
C LEU A 80 5.65 19.38 -0.75
N LYS A 81 5.16 18.63 -1.74
CA LYS A 81 5.49 17.22 -1.83
C LYS A 81 6.93 17.01 -2.22
N CYS A 82 7.56 18.04 -2.80
CA CYS A 82 8.98 18.03 -3.02
C CYS A 82 9.83 18.47 -1.83
N ALA A 83 9.25 18.51 -0.64
CA ALA A 83 10.01 18.79 0.56
C ALA A 83 10.11 17.49 1.31
N GLY A 84 11.31 17.16 1.73
CA GLY A 84 11.50 16.07 2.64
C GLY A 84 10.91 16.38 3.97
N ASN A 85 10.34 15.34 4.61
CA ASN A 85 9.72 15.44 5.91
C ASN A 85 10.59 15.96 7.04
N GLU A 86 11.91 15.93 6.87
CA GLU A 86 12.86 16.54 7.81
C GLU A 86 13.47 17.85 7.32
N ASP A 87 12.97 18.41 6.23
CA ASP A 87 13.55 19.65 5.67
C ASP A 87 13.14 20.87 6.49
N ILE A 88 13.93 21.91 6.35
CA ILE A 88 13.67 23.19 6.93
C ILE A 88 12.95 23.91 5.80
N ILE A 89 11.67 24.27 5.98
CA ILE A 89 10.94 25.04 4.96
C ILE A 89 10.96 26.54 5.31
N THR A 90 11.20 27.37 4.30
CA THR A 90 11.22 28.80 4.46
C THR A 90 10.35 29.40 3.41
N LEU A 91 9.44 30.27 3.84
CA LEU A 91 8.54 30.97 2.93
C LEU A 91 9.02 32.35 2.85
N ARG A 92 9.03 32.90 1.65
CA ARG A 92 9.55 34.26 1.45
C ARG A 92 8.77 34.91 0.36
N ALA A 93 8.25 36.10 0.64
CA ALA A 93 7.49 36.90 -0.32
C ALA A 93 7.93 38.35 -0.18
N GLU A 94 8.25 38.98 -1.31
CA GLU A 94 8.77 40.35 -1.32
C GLU A 94 7.71 41.31 -1.80
N ASP A 95 7.39 42.28 -0.96
CA ASP A 95 6.61 43.46 -1.32
C ASP A 95 6.74 43.76 -2.81
N ASN A 96 5.61 43.72 -3.53
CA ASN A 96 5.49 44.08 -4.95
C ASN A 96 5.27 42.80 -5.72
N ALA A 97 6.27 41.91 -5.65
CA ALA A 97 6.25 40.67 -6.47
C ALA A 97 4.99 39.82 -6.27
N ASP A 98 4.60 39.07 -7.31
CA ASP A 98 3.48 38.11 -7.22
C ASP A 98 4.03 36.70 -7.38
N THR A 99 4.91 36.38 -6.44
CA THR A 99 5.51 35.05 -6.42
C THR A 99 5.92 34.73 -4.99
N LEU A 100 5.51 33.59 -4.51
CA LEU A 100 5.95 33.07 -3.23
C LEU A 100 7.12 32.15 -3.54
N ALA A 101 8.20 32.30 -2.77
CA ALA A 101 9.37 31.40 -2.82
C ALA A 101 9.27 30.39 -1.70
N LEU A 102 9.39 29.14 -2.02
CA LEU A 102 9.58 28.12 -0.99
C LEU A 102 11.03 27.62 -1.07
N VAL A 103 11.69 27.48 0.06
CA VAL A 103 13.01 26.93 0.05
C VAL A 103 13.10 25.83 1.07
N PHE A 104 13.45 24.65 0.59
CA PHE A 104 13.62 23.47 1.40
C PHE A 104 15.12 23.23 1.54
N GLU A 105 15.62 23.27 2.76
CA GLU A 105 17.01 23.03 3.07
C GLU A 105 17.13 21.64 3.68
N ALA A 106 18.09 20.87 3.14
CA ALA A 106 18.37 19.52 3.63
C ALA A 106 19.12 19.66 4.95
N PRO A 107 18.80 18.78 5.92
CA PRO A 107 19.46 18.84 7.24
C PRO A 107 21.00 18.87 7.05
N ASN A 108 21.53 17.93 6.25
CA ASN A 108 22.95 17.96 5.78
C ASN A 108 23.45 19.30 5.25
N GLN A 109 22.58 20.00 4.53
CA GLN A 109 22.83 21.35 3.99
C GLN A 109 23.72 21.29 2.74
N GLU A 110 23.67 20.15 2.04
CA GLU A 110 24.31 19.98 0.73
C GLU A 110 23.31 20.19 -0.39
N LYS A 111 22.08 19.64 -0.22
CA LYS A 111 20.92 19.84 -1.11
C LYS A 111 20.03 21.00 -0.61
N VAL A 112 19.79 21.98 -1.50
CA VAL A 112 18.85 23.08 -1.23
C VAL A 112 17.96 23.27 -2.43
N SER A 113 16.66 23.13 -2.19
CA SER A 113 15.66 23.24 -3.23
C SER A 113 15.00 24.59 -3.11
N ASP A 114 14.58 25.12 -4.24
CA ASP A 114 14.06 26.45 -4.31
C ASP A 114 12.95 26.32 -5.29
N TYR A 115 11.73 26.60 -4.85
CA TYR A 115 10.60 26.68 -5.72
C TYR A 115 10.03 28.09 -5.73
N GLU A 116 9.48 28.49 -6.84
CA GLU A 116 8.85 29.77 -6.91
C GLU A 116 7.50 29.46 -7.42
N MET A 117 6.52 30.06 -6.77
CA MET A 117 5.15 29.73 -7.01
C MET A 117 4.44 31.01 -7.43
N LYS A 118 3.69 30.93 -8.51
CA LYS A 118 2.83 32.06 -8.88
C LYS A 118 1.70 32.27 -7.84
N LEU A 119 1.55 33.49 -7.35
CA LEU A 119 0.41 33.82 -6.52
C LEU A 119 -0.81 34.20 -7.39
N MET A 120 -1.97 34.25 -6.75
CA MET A 120 -3.25 34.62 -7.33
C MET A 120 -3.62 35.97 -6.74
N ASP A 121 -4.42 36.80 -7.42
CA ASP A 121 -5.04 38.04 -6.79
C ASP A 121 -6.31 37.61 -5.99
N LEU A 122 -6.24 37.70 -4.67
CA LEU A 122 -7.34 37.30 -3.80
C LEU A 122 -7.37 38.19 -2.56
N ASP A 123 -8.56 38.31 -2.00
CA ASP A 123 -8.89 39.21 -0.89
C ASP A 123 -9.22 38.28 0.34
N VAL A 124 -9.06 38.80 1.55
CA VAL A 124 -9.10 38.03 2.80
C VAL A 124 -10.51 37.54 3.08
N GLU A 125 -11.01 36.73 2.14
CA GLU A 125 -12.44 36.32 1.97
C GLU A 125 -13.42 36.17 3.11
N GLN A 126 -12.96 35.94 4.34
CA GLN A 126 -13.93 36.07 5.48
C GLN A 126 -13.36 36.78 6.73
N LEU A 127 -14.32 37.21 7.55
CA LEU A 127 -14.18 37.85 8.85
C LEU A 127 -14.65 36.92 9.95
N GLY A 128 -15.80 36.31 9.67
CA GLY A 128 -16.69 35.67 10.66
C GLY A 128 -16.09 34.81 11.75
N ILE A 129 -17.01 34.08 12.39
CA ILE A 129 -16.73 33.08 13.39
C ILE A 129 -16.39 33.78 14.70
N PRO A 130 -17.44 34.27 15.38
CA PRO A 130 -17.17 34.91 16.66
C PRO A 130 -16.79 33.98 17.81
N GLU A 131 -16.11 34.55 18.79
CA GLU A 131 -15.89 33.90 20.05
C GLU A 131 -17.30 33.57 20.61
N GLN A 132 -17.51 32.30 20.93
CA GLN A 132 -18.65 31.92 21.74
C GLN A 132 -18.35 30.72 22.60
N GLU A 133 -19.28 30.46 23.50
CA GLU A 133 -19.21 29.36 24.43
C GLU A 133 -20.28 28.40 23.94
N TYR A 134 -19.99 27.10 23.96
CA TYR A 134 -20.83 26.13 23.28
C TYR A 134 -21.45 25.20 24.29
N SER A 135 -22.62 24.65 23.99
CA SER A 135 -23.36 23.81 24.96
C SER A 135 -22.58 22.59 25.37
N CYS A 136 -22.11 21.81 24.39
CA CYS A 136 -21.35 20.57 24.66
C CYS A 136 -19.97 20.68 23.96
N VAL A 137 -18.87 20.49 24.71
CA VAL A 137 -17.53 20.43 24.10
C VAL A 137 -16.89 19.06 24.39
N VAL A 138 -16.83 18.22 23.35
CA VAL A 138 -16.32 16.84 23.44
C VAL A 138 -14.83 16.92 23.09
N LYS A 139 -13.97 16.28 23.86
CA LYS A 139 -12.56 16.27 23.49
C LYS A 139 -12.12 14.86 23.45
N MET A 140 -11.51 14.44 22.37
CA MET A 140 -11.33 13.02 22.16
C MET A 140 -10.17 12.72 21.24
N PRO A 141 -9.64 11.50 21.28
CA PRO A 141 -8.51 11.20 20.40
C PRO A 141 -8.94 11.37 18.96
N SER A 142 -8.14 12.06 18.17
CA SER A 142 -8.52 12.32 16.84
C SER A 142 -8.71 11.07 15.98
N GLY A 143 -7.89 10.04 16.19
CA GLY A 143 -7.95 8.81 15.41
C GLY A 143 -9.17 7.96 15.70
N GLU A 144 -9.62 8.00 16.93
CA GLU A 144 -10.91 7.51 17.31
C GLU A 144 -11.98 8.25 16.53
N PHE A 145 -11.93 9.58 16.55
CA PHE A 145 -12.92 10.40 15.82
C PHE A 145 -12.87 10.16 14.30
N ALA A 146 -11.72 9.90 13.76
CA ALA A 146 -11.60 9.66 12.36
C ALA A 146 -12.18 8.33 12.03
N ARG A 147 -11.98 7.37 12.91
CA ARG A 147 -12.42 6.01 12.71
C ARG A 147 -13.91 5.99 12.80
N ILE A 148 -14.45 6.67 13.81
CA ILE A 148 -15.91 6.78 13.97
C ILE A 148 -16.52 7.31 12.70
N CYS A 149 -15.96 8.38 12.14
CA CYS A 149 -16.54 9.00 10.94
C CYS A 149 -16.41 8.13 9.73
N ARG A 150 -15.37 7.31 9.66
CA ARG A 150 -15.18 6.36 8.54
C ARG A 150 -16.12 5.18 8.59
N ASP A 151 -16.22 4.56 9.78
CA ASP A 151 -17.12 3.45 10.02
C ASP A 151 -18.57 3.81 9.66
N LEU A 152 -19.07 4.92 10.20
CA LEU A 152 -20.47 5.22 10.03
C LEU A 152 -20.74 5.65 8.63
N SER A 153 -19.75 6.16 7.94
CA SER A 153 -19.94 6.51 6.53
C SER A 153 -20.21 5.27 5.69
N HIS A 154 -19.83 4.10 6.17
CA HIS A 154 -20.24 2.81 5.54
C HIS A 154 -21.68 2.35 5.78
N ILE A 155 -22.35 2.95 6.77
CA ILE A 155 -23.74 2.73 7.06
C ILE A 155 -24.64 3.79 6.44
N GLY A 156 -24.26 5.05 6.54
CA GLY A 156 -25.12 6.14 6.14
C GLY A 156 -24.34 7.36 5.72
N ASP A 157 -25.06 8.38 5.29
CA ASP A 157 -24.45 9.57 4.76
C ASP A 157 -24.42 10.65 5.79
N ALA A 158 -25.22 10.51 6.86
CA ALA A 158 -25.35 11.49 7.91
C ALA A 158 -25.08 10.82 9.20
N VAL A 159 -24.55 11.56 10.15
CA VAL A 159 -24.32 11.05 11.50
C VAL A 159 -25.06 11.98 12.43
N VAL A 160 -25.68 11.40 13.44
CA VAL A 160 -26.40 12.14 14.43
C VAL A 160 -25.55 12.06 15.68
N ILE A 161 -25.01 13.20 16.09
CA ILE A 161 -24.19 13.30 17.29
C ILE A 161 -25.07 13.77 18.44
N SER A 162 -25.14 12.96 19.48
CA SER A 162 -25.95 13.24 20.65
C SER A 162 -25.03 13.27 21.84
N CYS A 163 -25.08 14.35 22.62
CA CYS A 163 -24.21 14.52 23.77
C CYS A 163 -25.04 14.74 25.06
N ALA A 164 -24.53 14.15 26.13
CA ALA A 164 -25.10 14.19 27.44
C ALA A 164 -23.93 14.24 28.43
N LYS A 165 -24.20 14.54 29.70
CA LYS A 165 -23.09 14.76 30.67
C LYS A 165 -22.02 13.68 30.64
N ASP A 166 -22.46 12.44 30.60
CA ASP A 166 -21.61 11.26 30.71
C ASP A 166 -20.95 10.91 29.38
N GLY A 167 -21.71 11.06 28.28
CA GLY A 167 -21.25 10.52 27.02
C GLY A 167 -21.85 11.13 25.77
N VAL A 168 -21.12 10.93 24.68
CA VAL A 168 -21.54 11.32 23.34
C VAL A 168 -21.80 10.05 22.53
N LYS A 169 -22.78 10.11 21.62
CA LYS A 169 -23.19 8.99 20.80
C LYS A 169 -23.25 9.39 19.34
N PHE A 170 -22.74 8.55 18.46
CA PHE A 170 -22.75 8.81 17.02
C PHE A 170 -23.56 7.75 16.36
N SER A 171 -24.52 8.12 15.52
CA SER A 171 -25.43 7.16 14.87
C SER A 171 -25.61 7.40 13.39
N ALA A 172 -25.77 6.32 12.66
CA ALA A 172 -26.06 6.39 11.24
C ALA A 172 -26.93 5.20 10.89
N SER A 173 -27.50 5.25 9.71
CA SER A 173 -28.62 4.42 9.39
C SER A 173 -28.77 4.41 7.88
N GLY A 174 -28.92 3.23 7.32
CA GLY A 174 -29.02 3.07 5.86
C GLY A 174 -29.54 1.72 5.41
N GLU A 175 -29.16 1.34 4.20
CA GLU A 175 -29.60 0.08 3.61
C GLU A 175 -29.18 -1.16 4.39
N LEU A 176 -27.91 -1.23 4.79
CA LEU A 176 -27.38 -2.33 5.59
C LEU A 176 -28.01 -2.39 6.99
N GLY A 177 -28.45 -1.26 7.53
CA GLY A 177 -29.02 -1.21 8.88
C GLY A 177 -28.69 0.07 9.63
N ASN A 178 -28.47 -0.06 10.92
CA ASN A 178 -28.21 1.07 11.78
C ASN A 178 -26.97 0.87 12.67
N GLY A 179 -26.08 1.83 12.67
CA GLY A 179 -24.91 1.79 13.51
C GLY A 179 -25.06 2.78 14.60
N ASN A 180 -24.26 2.62 15.62
CA ASN A 180 -24.42 3.36 16.82
C ASN A 180 -23.14 3.20 17.63
N ILE A 181 -22.34 4.24 17.73
CA ILE A 181 -21.14 4.22 18.56
C ILE A 181 -21.41 5.11 19.78
N LYS A 182 -21.19 4.59 20.97
CA LYS A 182 -21.46 5.34 22.20
C LYS A 182 -20.18 5.42 23.01
N LEU A 183 -19.57 6.60 23.04
CA LEU A 183 -18.37 6.90 23.84
C LEU A 183 -18.78 7.36 25.21
N SER A 184 -18.08 6.90 26.24
CA SER A 184 -18.29 7.34 27.60
C SER A 184 -17.07 8.13 28.07
N GLN A 185 -17.31 9.11 28.94
CA GLN A 185 -16.22 9.94 29.46
C GLN A 185 -15.24 9.11 30.27
N THR A 186 -13.96 9.42 30.07
CA THR A 186 -12.87 8.58 30.54
C THR A 186 -12.48 9.01 31.93
N GLU A 193 -4.54 12.76 25.86
CA GLU A 193 -4.79 12.63 24.44
C GLU A 193 -5.09 11.16 24.05
N GLU A 194 -5.50 10.35 25.04
CA GLU A 194 -6.02 8.98 24.85
C GLU A 194 -7.41 8.74 25.47
N ALA A 195 -7.98 9.79 26.09
CA ALA A 195 -9.24 9.72 26.77
C ALA A 195 -10.26 10.75 26.28
N VAL A 196 -11.54 10.45 26.51
CA VAL A 196 -12.65 11.31 26.13
C VAL A 196 -13.04 12.17 27.31
N THR A 197 -13.33 13.43 27.04
CA THR A 197 -13.72 14.42 28.03
C THR A 197 -14.88 15.20 27.47
N ILE A 198 -15.92 15.35 28.25
CA ILE A 198 -17.08 16.14 27.88
C ILE A 198 -17.22 17.25 28.90
N GLU A 199 -17.37 18.47 28.42
CA GLU A 199 -17.76 19.61 29.22
C GLU A 199 -19.04 20.05 28.57
N MET A 200 -20.16 19.85 29.27
CA MET A 200 -21.46 20.18 28.71
C MET A 200 -22.26 21.03 29.72
N ASN A 201 -22.87 22.11 29.21
CA ASN A 201 -23.76 23.00 29.98
C ASN A 201 -25.23 22.58 29.79
N GLU A 202 -25.60 22.34 28.52
CA GLU A 202 -26.86 21.72 28.12
C GLU A 202 -26.56 20.49 27.24
N PRO A 203 -27.53 19.56 27.10
CA PRO A 203 -27.44 18.52 26.07
C PRO A 203 -27.73 19.04 24.66
N VAL A 204 -27.29 18.29 23.65
CA VAL A 204 -27.48 18.64 22.22
C VAL A 204 -27.55 17.39 21.33
N GLN A 205 -28.37 17.44 20.27
CA GLN A 205 -28.42 16.38 19.26
C GLN A 205 -28.47 17.05 17.87
N LEU A 206 -27.35 17.06 17.15
CA LEU A 206 -27.28 17.61 15.79
C LEU A 206 -26.95 16.51 14.82
N THR A 207 -27.24 16.74 13.54
CA THR A 207 -27.00 15.78 12.48
C THR A 207 -26.13 16.45 11.46
N PHE A 208 -25.06 15.75 11.02
CA PHE A 208 -24.15 16.33 10.09
C PHE A 208 -23.92 15.39 8.97
N ALA A 209 -23.35 15.86 7.88
CA ALA A 209 -23.05 15.03 6.74
C ALA A 209 -21.67 14.44 6.91
N LEU A 210 -21.56 13.13 6.82
CA LEU A 210 -20.28 12.46 6.97
C LEU A 210 -19.26 12.83 5.89
N ARG A 211 -19.73 13.25 4.74
CA ARG A 211 -18.87 13.57 3.61
C ARG A 211 -17.90 14.67 4.02
N TYR A 212 -18.40 15.59 4.83
CA TYR A 212 -17.61 16.74 5.27
C TYR A 212 -16.72 16.45 6.43
N LEU A 213 -17.29 15.80 7.45
CA LEU A 213 -16.52 15.30 8.59
C LEU A 213 -15.31 14.44 8.14
N ASN A 214 -15.47 13.65 7.08
CA ASN A 214 -14.37 12.91 6.56
C ASN A 214 -13.30 13.72 5.79
N PHE A 215 -13.62 14.91 5.35
CA PHE A 215 -12.58 15.83 4.92
C PHE A 215 -11.81 16.40 6.10
N PHE A 216 -12.55 16.75 7.15
CA PHE A 216 -11.97 17.35 8.34
C PHE A 216 -10.97 16.45 8.99
N THR A 217 -11.22 15.17 8.94
CA THR A 217 -10.33 14.25 9.59
C THR A 217 -8.98 14.08 8.87
N LYS A 218 -8.79 14.71 7.73
CA LYS A 218 -7.50 14.73 7.10
C LYS A 218 -6.52 15.60 7.88
N ALA A 219 -7.03 16.37 8.79
CA ALA A 219 -6.18 17.12 9.71
C ALA A 219 -5.58 16.22 10.77
N THR A 220 -6.00 14.94 10.82
CA THR A 220 -5.69 14.09 11.95
C THR A 220 -4.22 14.02 12.27
N PRO A 221 -3.35 14.00 11.26
CA PRO A 221 -1.92 13.94 11.55
C PRO A 221 -1.35 15.10 12.35
N LEU A 222 -2.08 16.20 12.42
CA LEU A 222 -1.60 17.41 13.10
C LEU A 222 -1.75 17.31 14.57
N SER A 223 -2.66 16.49 15.03
CA SER A 223 -2.99 16.47 16.42
C SER A 223 -3.46 15.10 16.90
N SER A 224 -2.93 14.68 18.04
CA SER A 224 -3.40 13.51 18.73
C SER A 224 -4.80 13.64 19.37
N THR A 225 -5.32 14.85 19.50
CA THR A 225 -6.71 15.07 19.94
C THR A 225 -7.50 15.96 18.96
N VAL A 226 -8.82 15.88 19.06
CA VAL A 226 -9.72 16.72 18.31
C VAL A 226 -10.76 17.20 19.30
N THR A 227 -11.28 18.38 19.08
CA THR A 227 -12.27 18.94 19.96
C THR A 227 -13.50 19.19 19.10
N LEU A 228 -14.64 18.65 19.51
CA LEU A 228 -15.93 18.96 18.90
C LEU A 228 -16.70 19.93 19.82
N SER A 229 -17.05 21.11 19.31
CA SER A 229 -17.94 22.05 20.09
C SER A 229 -19.31 22.19 19.43
N MET A 230 -20.38 22.02 20.20
CA MET A 230 -21.75 22.05 19.65
C MET A 230 -22.75 22.84 20.50
N SER A 231 -23.70 23.42 19.78
CA SER A 231 -24.83 24.12 20.34
C SER A 231 -25.90 24.05 19.31
N ALA A 232 -27.14 24.18 19.73
CA ALA A 232 -28.29 24.09 18.81
C ALA A 232 -28.23 25.13 17.67
N ASP A 233 -28.78 24.71 16.53
CA ASP A 233 -28.94 25.58 15.37
C ASP A 233 -27.68 26.40 15.00
N VAL A 234 -26.51 25.82 15.25
CA VAL A 234 -25.22 26.52 15.11
C VAL A 234 -24.15 25.55 14.57
N PRO A 235 -23.20 26.06 13.75
CA PRO A 235 -22.24 25.08 13.17
C PRO A 235 -21.38 24.35 14.19
N LEU A 236 -21.06 23.09 13.91
CA LEU A 236 -20.14 22.31 14.71
C LEU A 236 -18.77 22.89 14.47
N VAL A 237 -17.96 23.04 15.51
CA VAL A 237 -16.55 23.36 15.35
C VAL A 237 -15.74 22.09 15.68
N VAL A 238 -14.94 21.62 14.73
CA VAL A 238 -13.99 20.51 14.88
C VAL A 238 -12.62 21.17 14.91
N GLU A 239 -11.87 21.07 16.00
CA GLU A 239 -10.59 21.76 16.08
C GLU A 239 -9.39 20.89 16.31
N TYR A 240 -8.39 21.09 15.50
CA TYR A 240 -7.10 20.45 15.62
C TYR A 240 -6.09 21.49 16.06
N LYS A 241 -5.56 21.35 17.27
CA LYS A 241 -4.45 22.23 17.69
C LYS A 241 -3.11 21.78 17.02
N ILE A 242 -2.30 22.72 16.61
CA ILE A 242 -1.07 22.47 15.86
C ILE A 242 0.04 22.83 16.82
N ALA A 243 0.86 21.82 17.10
CA ALA A 243 2.17 21.82 17.79
C ALA A 243 2.77 23.16 18.00
N ASP A 244 2.25 23.89 18.95
CA ASP A 244 2.90 25.11 19.35
C ASP A 244 2.79 26.29 18.39
N MET A 245 1.89 26.17 17.42
CA MET A 245 1.71 27.20 16.42
C MET A 245 0.30 27.74 16.42
N GLY A 246 -0.69 26.87 16.54
CA GLY A 246 -2.01 27.38 16.58
C GLY A 246 -3.01 26.31 16.32
N HIS A 247 -3.86 26.51 15.31
CA HIS A 247 -4.96 25.60 15.15
C HIS A 247 -5.53 25.56 13.79
N LEU A 248 -6.38 24.60 13.60
CA LEU A 248 -7.13 24.46 12.36
C LEU A 248 -8.53 24.17 12.82
N LYS A 249 -9.48 25.01 12.48
CA LYS A 249 -10.88 24.77 12.82
C LYS A 249 -11.71 24.61 11.58
N TYR A 250 -12.68 23.75 11.64
CA TYR A 250 -13.59 23.53 10.52
C TYR A 250 -14.98 23.67 11.10
N TYR A 251 -15.85 24.41 10.43
CA TYR A 251 -17.23 24.66 10.92
C TYR A 251 -18.11 23.97 9.96
N LEU A 252 -19.06 23.22 10.45
CA LEU A 252 -20.02 22.53 9.55
C LEU A 252 -21.36 22.81 10.06
N ALA A 253 -22.26 23.24 9.19
CA ALA A 253 -23.62 23.61 9.63
C ALA A 253 -24.40 22.34 9.77
N PRO A 254 -25.28 22.25 10.77
CA PRO A 254 -26.14 21.07 10.85
C PRO A 254 -27.14 20.86 9.68
N LYS A 255 -28.00 19.86 9.80
CA LYS A 255 -28.97 19.62 8.74
C LYS A 255 -29.80 18.47 9.19
N HIS B 1 26.37 -30.21 -24.18
CA HIS B 1 26.96 -29.05 -23.44
C HIS B 1 25.87 -28.03 -23.10
N MET B 2 26.09 -27.29 -22.02
CA MET B 2 25.07 -26.40 -21.46
C MET B 2 25.65 -25.17 -20.74
N PHE B 3 24.78 -24.16 -20.64
CA PHE B 3 25.01 -23.01 -19.78
C PHE B 3 24.37 -23.30 -18.42
N GLU B 4 25.07 -23.00 -17.34
CA GLU B 4 24.43 -23.06 -16.06
C GLU B 4 25.11 -22.10 -15.13
N ALA B 5 24.33 -21.24 -14.47
CA ALA B 5 24.85 -20.23 -13.54
C ALA B 5 24.02 -20.31 -12.25
N ARG B 6 24.67 -20.49 -11.09
CA ARG B 6 23.99 -20.49 -9.80
C ARG B 6 24.30 -19.22 -9.05
N LEU B 7 23.24 -18.58 -8.56
CA LEU B 7 23.29 -17.29 -7.87
C LEU B 7 22.66 -17.45 -6.46
N VAL B 8 23.48 -17.42 -5.42
CA VAL B 8 22.96 -17.58 -4.06
C VAL B 8 22.08 -16.40 -3.61
N GLN B 9 22.43 -15.19 -4.00
CA GLN B 9 21.56 -14.02 -3.82
C GLN B 9 20.67 -13.82 -5.05
N GLY B 10 19.59 -14.60 -5.12
CA GLY B 10 18.58 -14.49 -6.18
C GLY B 10 17.87 -13.15 -6.29
N SER B 11 17.85 -12.38 -5.19
CA SER B 11 17.21 -11.06 -5.19
C SER B 11 17.86 -10.05 -6.15
N ILE B 12 19.14 -10.22 -6.50
CA ILE B 12 19.85 -9.33 -7.48
C ILE B 12 19.18 -9.48 -8.85
N LEU B 13 18.96 -10.73 -9.23
CA LEU B 13 18.37 -11.06 -10.51
C LEU B 13 16.93 -10.58 -10.63
N LYS B 14 16.23 -10.57 -9.49
CA LYS B 14 14.85 -10.05 -9.42
C LYS B 14 14.84 -8.55 -9.52
N LYS B 15 15.80 -7.91 -8.87
CA LYS B 15 16.02 -6.48 -8.98
C LYS B 15 16.47 -6.00 -10.35
N VAL B 16 17.36 -6.77 -10.99
CA VAL B 16 17.86 -6.43 -12.31
C VAL B 16 16.69 -6.46 -13.27
N LEU B 17 15.84 -7.49 -13.21
CA LEU B 17 14.66 -7.57 -14.10
C LEU B 17 13.57 -6.54 -13.78
N GLU B 18 13.41 -6.16 -12.53
CA GLU B 18 12.57 -5.01 -12.24
C GLU B 18 13.11 -3.74 -12.90
N ALA B 19 14.40 -3.55 -12.83
CA ALA B 19 14.99 -2.35 -13.37
C ALA B 19 14.95 -2.27 -14.92
N LEU B 20 14.70 -3.40 -15.59
CA LEU B 20 14.68 -3.46 -17.07
C LEU B 20 13.30 -3.57 -17.71
N LYS B 21 12.39 -4.30 -17.07
CA LYS B 21 11.11 -4.65 -17.69
C LYS B 21 10.26 -3.43 -18.03
N ASP B 22 10.38 -2.37 -17.26
CA ASP B 22 9.62 -1.17 -17.59
C ASP B 22 10.17 -0.50 -18.83
N LEU B 23 11.48 -0.64 -19.06
CA LEU B 23 12.17 -0.02 -20.20
C LEU B 23 12.23 -0.90 -21.45
N ILE B 24 12.39 -2.21 -21.28
CA ILE B 24 12.52 -3.11 -22.41
C ILE B 24 11.62 -4.27 -22.19
N ASN B 25 11.14 -4.89 -23.25
CA ASN B 25 10.36 -6.11 -23.13
C ASN B 25 11.07 -7.35 -23.62
N GLU B 26 12.02 -7.17 -24.52
CA GLU B 26 12.65 -8.27 -25.22
C GLU B 26 14.11 -7.91 -25.17
N ALA B 27 14.96 -8.87 -24.84
CA ALA B 27 16.38 -8.66 -24.95
C ALA B 27 17.19 -9.93 -25.12
N CYS B 28 18.31 -9.83 -25.86
CA CYS B 28 19.19 -10.94 -26.09
C CYS B 28 20.16 -10.94 -24.99
N TRP B 29 20.21 -12.03 -24.24
CA TRP B 29 21.24 -12.24 -23.23
C TRP B 29 22.45 -12.83 -23.98
N ASP B 30 23.59 -12.18 -23.85
CA ASP B 30 24.80 -12.67 -24.50
C ASP B 30 25.60 -13.39 -23.42
N ILE B 31 25.49 -14.71 -23.43
CA ILE B 31 26.09 -15.57 -22.46
C ILE B 31 27.47 -16.04 -22.96
N SER B 32 28.46 -15.96 -22.10
CA SER B 32 29.77 -16.48 -22.41
C SER B 32 30.56 -16.74 -21.14
N SER B 33 31.73 -17.28 -21.32
CA SER B 33 32.64 -17.54 -20.23
C SER B 33 32.87 -16.35 -19.31
N SER B 34 32.99 -15.18 -19.92
CA SER B 34 33.26 -13.95 -19.19
C SER B 34 32.05 -13.59 -18.33
N GLY B 35 30.87 -13.91 -18.84
CA GLY B 35 29.67 -13.84 -18.08
C GLY B 35 28.49 -13.49 -18.96
N VAL B 36 27.53 -12.81 -18.36
CA VAL B 36 26.31 -12.39 -19.01
C VAL B 36 26.40 -10.91 -19.38
N ASN B 37 26.06 -10.59 -20.61
CA ASN B 37 26.04 -9.23 -21.09
C ASN B 37 24.70 -9.03 -21.78
N LEU B 38 24.11 -7.87 -21.62
CA LEU B 38 22.80 -7.59 -22.23
C LEU B 38 22.78 -6.14 -22.63
N GLN B 39 22.25 -5.87 -23.79
CA GLN B 39 22.30 -4.52 -24.31
C GLN B 39 21.06 -4.31 -25.14
N SER B 40 20.28 -3.27 -24.89
CA SER B 40 19.03 -3.03 -25.67
C SER B 40 18.63 -1.61 -25.64
N MET B 41 18.04 -1.14 -26.73
CA MET B 41 17.33 0.16 -26.72
C MET B 41 15.86 0.05 -26.38
N ASP B 42 15.35 1.07 -25.70
CA ASP B 42 13.94 1.11 -25.33
C ASP B 42 13.18 1.04 -26.63
N SER B 43 11.92 0.59 -26.54
CA SER B 43 11.05 0.51 -27.73
C SER B 43 11.19 1.71 -28.72
N SER B 44 11.36 2.91 -28.17
CA SER B 44 11.44 4.16 -28.93
C SER B 44 12.82 4.60 -29.38
N HIS B 45 13.86 3.81 -29.12
CA HIS B 45 15.26 4.20 -29.43
C HIS B 45 15.73 5.54 -28.91
N VAL B 46 15.18 5.92 -27.76
CA VAL B 46 15.56 7.14 -27.05
C VAL B 46 16.65 6.80 -26.07
N SER B 47 16.62 5.60 -25.50
CA SER B 47 17.57 5.19 -24.50
C SER B 47 18.04 3.78 -24.74
N LEU B 48 19.21 3.48 -24.19
CA LEU B 48 19.86 2.20 -24.33
C LEU B 48 20.23 1.82 -22.92
N VAL B 49 20.01 0.57 -22.58
CA VAL B 49 20.48 0.02 -21.28
C VAL B 49 21.49 -1.09 -21.56
N GLN B 50 22.51 -1.18 -20.73
CA GLN B 50 23.54 -2.17 -20.86
C GLN B 50 23.85 -2.85 -19.52
N LEU B 51 23.48 -4.13 -19.40
CA LEU B 51 23.75 -4.95 -18.21
C LEU B 51 25.02 -5.78 -18.33
N THR B 52 25.84 -5.78 -17.29
CA THR B 52 27.01 -6.64 -17.17
C THR B 52 26.93 -7.44 -15.84
N LEU B 53 26.97 -8.79 -15.93
CA LEU B 53 27.13 -9.64 -14.78
C LEU B 53 28.31 -10.52 -15.05
N ARG B 54 29.39 -10.38 -14.29
CA ARG B 54 30.61 -11.17 -14.52
C ARG B 54 30.43 -12.58 -13.98
N SER B 55 31.05 -13.53 -14.63
CA SER B 55 31.04 -14.92 -14.17
C SER B 55 31.36 -15.11 -12.69
N GLU B 56 32.24 -14.26 -12.18
CA GLU B 56 32.85 -14.45 -10.85
C GLU B 56 31.85 -14.08 -9.80
N GLY B 57 30.89 -13.24 -10.18
CA GLY B 57 29.82 -12.86 -9.27
C GLY B 57 28.89 -14.01 -8.95
N PHE B 58 28.77 -14.96 -9.86
CA PHE B 58 27.97 -16.13 -9.63
C PHE B 58 28.69 -17.13 -8.75
N ASP B 59 27.94 -17.95 -8.06
CA ASP B 59 28.48 -18.99 -7.19
C ASP B 59 28.99 -20.18 -8.01
N THR B 60 28.44 -20.36 -9.19
CA THR B 60 28.80 -21.43 -10.09
C THR B 60 28.49 -20.87 -11.47
N TYR B 61 29.36 -21.08 -12.44
CA TYR B 61 29.17 -20.56 -13.78
C TYR B 61 29.87 -21.47 -14.75
N ARG B 62 29.12 -22.09 -15.65
CA ARG B 62 29.63 -23.01 -16.65
C ARG B 62 29.03 -22.57 -17.96
N CYS B 63 29.86 -22.27 -18.95
CA CYS B 63 29.37 -21.89 -20.27
C CYS B 63 30.12 -22.65 -21.37
N ASP B 64 29.56 -23.75 -21.84
CA ASP B 64 30.29 -24.65 -22.74
C ASP B 64 30.52 -24.01 -24.10
N ARG B 65 29.46 -23.48 -24.66
CA ARG B 65 29.49 -22.67 -25.87
C ARG B 65 28.83 -21.27 -25.62
N ASN B 66 29.31 -20.20 -26.24
CA ASN B 66 28.62 -18.92 -26.14
C ASN B 66 27.18 -19.03 -26.69
N LEU B 67 26.20 -18.46 -26.02
CA LEU B 67 24.89 -18.37 -26.60
C LEU B 67 24.37 -16.97 -26.65
N ALA B 68 23.39 -16.82 -27.52
CA ALA B 68 22.67 -15.62 -27.67
C ALA B 68 21.23 -15.98 -27.34
N MET B 69 20.85 -15.87 -26.05
CA MET B 69 19.45 -16.15 -25.63
C MET B 69 18.63 -14.92 -25.85
N GLY B 70 17.57 -15.06 -26.63
CA GLY B 70 16.51 -14.03 -26.72
C GLY B 70 15.38 -14.31 -25.72
N VAL B 71 15.10 -13.34 -24.86
CA VAL B 71 14.30 -13.54 -23.68
C VAL B 71 13.26 -12.44 -23.66
N ASN B 72 12.01 -12.79 -23.45
CA ASN B 72 11.01 -11.82 -23.07
C ASN B 72 11.14 -11.41 -21.58
N LEU B 73 11.49 -10.16 -21.34
CA LEU B 73 11.81 -9.70 -20.01
C LEU B 73 10.56 -9.61 -19.14
N THR B 74 9.42 -9.36 -19.78
CA THR B 74 8.16 -9.36 -19.07
C THR B 74 7.86 -10.75 -18.51
N SER B 75 7.97 -11.77 -19.35
CA SER B 75 7.75 -13.13 -18.93
C SER B 75 8.71 -13.48 -17.83
N MET B 76 9.95 -13.08 -17.97
CA MET B 76 11.01 -13.54 -17.06
C MET B 76 10.86 -12.88 -15.73
N SER B 77 10.42 -11.62 -15.71
CA SER B 77 10.14 -10.91 -14.46
C SER B 77 8.97 -11.59 -13.73
N LYS B 78 7.92 -11.95 -14.47
CA LYS B 78 6.82 -12.73 -13.92
C LYS B 78 7.26 -14.05 -13.29
N ILE B 79 8.07 -14.79 -14.00
CA ILE B 79 8.61 -16.03 -13.49
C ILE B 79 9.49 -15.77 -12.28
N LEU B 80 10.19 -14.62 -12.23
CA LEU B 80 11.04 -14.29 -11.08
C LEU B 80 10.26 -13.85 -9.88
N LYS B 81 9.01 -13.44 -10.07
CA LYS B 81 8.15 -13.09 -8.95
C LYS B 81 7.74 -14.33 -8.16
N CYS B 82 7.85 -15.51 -8.76
CA CYS B 82 7.71 -16.75 -8.03
C CYS B 82 8.97 -17.21 -7.33
N ALA B 83 9.98 -16.35 -7.20
CA ALA B 83 11.16 -16.69 -6.44
C ALA B 83 11.03 -15.90 -5.15
N GLY B 84 11.22 -16.58 -4.02
CA GLY B 84 11.43 -15.93 -2.76
C GLY B 84 12.71 -15.13 -2.80
N ASN B 85 12.67 -13.99 -2.13
CA ASN B 85 13.80 -13.09 -1.97
C ASN B 85 15.08 -13.69 -1.34
N GLU B 86 14.97 -14.81 -0.63
CA GLU B 86 16.09 -15.54 -0.07
C GLU B 86 16.43 -16.83 -0.84
N ASP B 87 15.81 -17.05 -2.00
CA ASP B 87 16.04 -18.28 -2.77
C ASP B 87 17.36 -18.27 -3.50
N ILE B 88 17.84 -19.45 -3.80
CA ILE B 88 19.03 -19.65 -4.61
C ILE B 88 18.45 -19.82 -6.03
N ILE B 89 18.78 -18.91 -6.95
CA ILE B 89 18.33 -19.01 -8.31
C ILE B 89 19.44 -19.63 -9.17
N THR B 90 19.06 -20.60 -10.02
CA THR B 90 19.96 -21.20 -10.97
C THR B 90 19.36 -21.12 -12.34
N LEU B 91 20.14 -20.62 -13.30
CA LEU B 91 19.73 -20.50 -14.71
C LEU B 91 20.41 -21.60 -15.43
N ARG B 92 19.71 -22.26 -16.34
CA ARG B 92 20.25 -23.40 -17.08
C ARG B 92 19.64 -23.38 -18.45
N ALA B 93 20.51 -23.44 -19.47
CA ALA B 93 20.10 -23.51 -20.87
C ALA B 93 20.98 -24.51 -21.56
N GLU B 94 20.37 -25.41 -22.32
CA GLU B 94 21.12 -26.41 -23.05
C GLU B 94 21.24 -25.85 -24.46
N ASP B 95 22.47 -25.51 -24.80
CA ASP B 95 22.94 -25.21 -26.17
C ASP B 95 22.03 -25.56 -27.40
N ASN B 96 21.35 -26.71 -27.39
CA ASN B 96 20.20 -26.93 -28.32
C ASN B 96 18.78 -26.60 -27.85
N ALA B 97 17.88 -26.32 -28.81
CA ALA B 97 16.47 -25.95 -28.52
C ALA B 97 16.32 -24.63 -27.70
N ASP B 98 15.09 -24.28 -27.36
CA ASP B 98 14.77 -22.92 -27.03
C ASP B 98 13.97 -22.88 -25.74
N THR B 99 14.63 -23.09 -24.60
CA THR B 99 13.99 -22.97 -23.34
C THR B 99 15.02 -22.68 -22.29
N LEU B 100 14.79 -21.63 -21.49
CA LEU B 100 15.60 -21.35 -20.31
C LEU B 100 14.89 -21.97 -19.09
N ALA B 101 15.64 -22.70 -18.27
CA ALA B 101 15.15 -23.25 -16.99
C ALA B 101 15.58 -22.37 -15.86
N LEU B 102 14.62 -21.99 -15.00
CA LEU B 102 14.93 -21.28 -13.75
C LEU B 102 14.63 -22.24 -12.63
N VAL B 103 15.53 -22.36 -11.67
CA VAL B 103 15.28 -23.20 -10.53
C VAL B 103 15.54 -22.43 -9.26
N PHE B 104 14.49 -22.34 -8.42
CA PHE B 104 14.54 -21.60 -7.20
C PHE B 104 14.59 -22.63 -6.09
N GLU B 105 15.66 -22.65 -5.31
CA GLU B 105 15.82 -23.57 -4.20
C GLU B 105 15.56 -22.78 -2.91
N ALA B 106 14.75 -23.38 -2.04
CA ALA B 106 14.50 -22.80 -0.73
C ALA B 106 15.73 -23.04 0.11
N PRO B 107 16.16 -22.04 0.90
CA PRO B 107 17.28 -22.26 1.83
C PRO B 107 17.18 -23.59 2.63
N ASN B 108 16.04 -23.83 3.28
CA ASN B 108 15.70 -25.15 3.88
C ASN B 108 15.98 -26.36 2.97
N GLN B 109 15.67 -26.21 1.68
CA GLN B 109 15.90 -27.24 0.66
C GLN B 109 14.79 -28.32 0.65
N GLU B 110 13.63 -27.95 1.17
CA GLU B 110 12.45 -28.81 1.23
C GLU B 110 11.50 -28.46 0.06
N LYS B 111 11.38 -27.15 -0.24
CA LYS B 111 10.75 -26.62 -1.45
C LYS B 111 11.79 -26.32 -2.58
N VAL B 112 11.58 -26.93 -3.77
CA VAL B 112 12.34 -26.58 -5.00
C VAL B 112 11.35 -26.35 -6.15
N SER B 113 11.41 -25.15 -6.73
CA SER B 113 10.57 -24.73 -7.83
C SER B 113 11.38 -24.81 -9.07
N ASP B 114 10.72 -25.04 -10.17
CA ASP B 114 11.42 -25.27 -11.40
C ASP B 114 10.53 -24.74 -12.48
N TYR B 115 10.98 -23.70 -13.16
CA TYR B 115 10.23 -23.06 -14.25
C TYR B 115 10.95 -23.31 -15.55
N GLU B 116 10.23 -23.47 -16.63
CA GLU B 116 10.87 -23.52 -17.94
C GLU B 116 10.23 -22.43 -18.74
N MET B 117 11.06 -21.62 -19.37
CA MET B 117 10.63 -20.41 -20.01
C MET B 117 10.91 -20.51 -21.50
N LYS B 118 9.89 -20.23 -22.32
CA LYS B 118 10.06 -20.19 -23.75
C LYS B 118 11.01 -19.02 -24.13
N LEU B 119 12.09 -19.31 -24.87
CA LEU B 119 12.96 -18.23 -25.37
C LEU B 119 12.34 -17.65 -26.61
N MET B 120 12.88 -16.51 -27.01
CA MET B 120 12.53 -15.84 -28.25
C MET B 120 13.66 -16.01 -29.18
N ASP B 121 13.19 -16.09 -30.42
CA ASP B 121 13.95 -15.79 -31.57
C ASP B 121 13.82 -14.28 -31.73
N LEU B 122 14.81 -13.56 -31.22
CA LEU B 122 14.99 -12.15 -31.49
C LEU B 122 16.45 -11.96 -31.89
N ASP B 123 16.60 -11.13 -32.91
CA ASP B 123 17.76 -11.06 -33.76
C ASP B 123 18.33 -9.73 -33.44
N VAL B 124 19.20 -9.68 -32.43
CA VAL B 124 19.43 -8.47 -31.65
C VAL B 124 20.34 -7.60 -32.47
N GLU B 125 21.60 -8.05 -32.59
CA GLU B 125 22.66 -7.32 -33.31
C GLU B 125 22.78 -5.89 -32.77
N GLN B 126 23.65 -5.67 -31.79
CA GLN B 126 23.73 -4.35 -31.16
C GLN B 126 25.16 -3.80 -31.15
N LEU B 127 25.21 -2.48 -31.06
CA LEU B 127 26.43 -1.74 -31.30
C LEU B 127 27.49 -1.95 -30.22
N GLY B 128 28.60 -1.26 -30.39
CA GLY B 128 29.75 -1.28 -29.54
C GLY B 128 29.68 -0.13 -28.62
N ILE B 129 29.55 -0.34 -27.30
CA ILE B 129 29.77 0.79 -26.39
C ILE B 129 31.25 0.85 -26.06
N PRO B 130 31.98 1.78 -26.68
CA PRO B 130 33.39 1.90 -26.29
C PRO B 130 33.57 2.57 -24.92
N GLU B 131 34.74 2.35 -24.32
CA GLU B 131 35.15 3.17 -23.18
C GLU B 131 35.15 4.61 -23.58
N GLN B 132 34.63 5.47 -22.74
CA GLN B 132 34.82 6.87 -23.02
C GLN B 132 34.73 7.75 -21.82
N GLU B 133 35.27 8.95 -21.96
CA GLU B 133 35.53 9.85 -20.86
C GLU B 133 34.59 11.05 -21.08
N TYR B 134 34.17 11.70 -20.00
CA TYR B 134 33.10 12.71 -20.09
C TYR B 134 33.49 14.03 -19.41
N SER B 135 32.92 15.15 -19.86
CA SER B 135 33.22 16.49 -19.25
C SER B 135 32.94 16.60 -17.75
N CYS B 136 31.71 16.24 -17.31
CA CYS B 136 31.33 16.27 -15.86
C CYS B 136 30.89 14.89 -15.43
N VAL B 137 31.47 14.40 -14.34
CA VAL B 137 31.01 13.16 -13.74
C VAL B 137 30.56 13.39 -12.31
N VAL B 138 29.25 13.26 -12.07
CA VAL B 138 28.65 13.48 -10.77
C VAL B 138 28.49 12.14 -10.13
N LYS B 139 28.84 12.02 -8.87
CA LYS B 139 28.60 10.78 -8.17
C LYS B 139 27.84 11.05 -6.95
N MET B 140 26.73 10.36 -6.74
CA MET B 140 25.80 10.80 -5.72
C MET B 140 24.92 9.67 -5.21
N PRO B 141 24.33 9.85 -4.02
CA PRO B 141 23.56 8.75 -3.49
C PRO B 141 22.41 8.50 -4.42
N SER B 142 22.12 7.23 -4.71
CA SER B 142 21.12 6.95 -5.67
C SER B 142 19.68 7.42 -5.22
N GLY B 143 19.39 7.35 -3.92
CA GLY B 143 18.09 7.71 -3.41
C GLY B 143 17.83 9.20 -3.46
N GLU B 144 18.88 9.96 -3.29
CA GLU B 144 18.83 11.37 -3.49
C GLU B 144 18.47 11.60 -4.94
N PHE B 145 19.18 10.93 -5.85
CA PHE B 145 18.98 11.14 -7.28
C PHE B 145 17.57 10.72 -7.68
N ALA B 146 17.05 9.70 -7.02
CA ALA B 146 15.72 9.22 -7.35
C ALA B 146 14.71 10.23 -6.92
N ARG B 147 14.98 10.84 -5.76
CA ARG B 147 14.09 11.78 -5.15
C ARG B 147 14.07 13.04 -5.95
N ILE B 148 15.25 13.50 -6.36
CA ILE B 148 15.36 14.65 -7.27
C ILE B 148 14.54 14.45 -8.52
N CYS B 149 14.65 13.29 -9.14
CA CYS B 149 13.91 13.06 -10.38
C CYS B 149 12.42 12.96 -10.18
N ARG B 150 12.01 12.49 -9.03
CA ARG B 150 10.57 12.39 -8.71
C ARG B 150 9.94 13.75 -8.43
N ASP B 151 10.62 14.53 -7.60
CA ASP B 151 10.19 15.88 -7.23
C ASP B 151 9.99 16.74 -8.46
N LEU B 152 11.00 16.79 -9.31
CA LEU B 152 10.94 17.71 -10.45
C LEU B 152 9.96 17.22 -11.47
N SER B 153 9.69 15.94 -11.50
CA SER B 153 8.66 15.45 -12.40
C SER B 153 7.29 15.95 -12.01
N HIS B 154 7.10 16.35 -10.78
CA HIS B 154 5.88 17.07 -10.37
C HIS B 154 5.74 18.54 -10.85
N ILE B 155 6.85 19.15 -11.25
CA ILE B 155 6.90 20.51 -11.79
C ILE B 155 6.87 20.49 -13.31
N GLY B 156 7.63 19.60 -13.92
CA GLY B 156 7.83 19.63 -15.36
C GLY B 156 8.16 18.30 -15.95
N ASP B 157 8.27 18.26 -17.27
CA ASP B 157 8.50 17.03 -17.95
C ASP B 157 9.95 16.83 -18.30
N ALA B 158 10.73 17.92 -18.27
CA ALA B 158 12.15 17.95 -18.61
C ALA B 158 12.92 18.50 -17.44
N VAL B 159 14.14 18.01 -17.25
CA VAL B 159 15.00 18.52 -16.22
C VAL B 159 16.22 19.04 -16.94
N VAL B 160 16.73 20.18 -16.48
CA VAL B 160 17.94 20.77 -16.99
C VAL B 160 19.03 20.56 -15.95
N ILE B 161 20.00 19.73 -16.29
CA ILE B 161 21.12 19.44 -15.40
C ILE B 161 22.25 20.37 -15.80
N SER B 162 22.71 21.19 -14.86
CA SER B 162 23.84 22.10 -15.06
C SER B 162 24.92 21.75 -14.05
N CYS B 163 26.14 21.55 -14.54
CA CYS B 163 27.26 21.10 -13.72
C CYS B 163 28.41 22.11 -13.81
N ALA B 164 29.01 22.36 -12.66
CA ALA B 164 30.10 23.30 -12.48
C ALA B 164 31.04 22.68 -11.41
N LYS B 165 32.24 23.21 -11.26
CA LYS B 165 33.25 22.57 -10.38
C LYS B 165 32.71 22.18 -8.99
N ASP B 166 31.97 23.10 -8.40
CA ASP B 166 31.48 22.98 -7.02
C ASP B 166 30.24 22.12 -6.95
N GLY B 167 29.36 22.29 -7.93
CA GLY B 167 28.02 21.74 -7.78
C GLY B 167 27.24 21.53 -9.06
N VAL B 168 26.25 20.66 -8.95
CA VAL B 168 25.36 20.36 -10.01
C VAL B 168 24.03 20.93 -9.59
N LYS B 169 23.25 21.38 -10.58
CA LYS B 169 21.88 21.90 -10.37
C LYS B 169 20.86 21.26 -11.26
N PHE B 170 19.72 20.88 -10.73
CA PHE B 170 18.63 20.27 -11.49
C PHE B 170 17.43 21.20 -11.49
N SER B 171 16.84 21.51 -12.64
CA SER B 171 15.75 22.49 -12.74
C SER B 171 14.61 22.01 -13.63
N ALA B 172 13.40 22.36 -13.24
CA ALA B 172 12.22 22.06 -14.03
C ALA B 172 11.26 23.20 -13.86
N SER B 173 10.29 23.22 -14.72
CA SER B 173 9.55 24.42 -14.94
C SER B 173 8.25 24.04 -15.62
N GLY B 174 7.13 24.54 -15.10
CA GLY B 174 5.83 24.20 -15.63
C GLY B 174 4.71 25.11 -15.18
N GLU B 175 3.50 24.57 -15.20
CA GLU B 175 2.32 25.38 -14.87
C GLU B 175 2.32 25.90 -13.41
N LEU B 176 2.68 25.02 -12.46
CA LEU B 176 2.78 25.39 -11.02
C LEU B 176 3.87 26.43 -10.78
N GLY B 177 4.91 26.43 -11.61
CA GLY B 177 6.07 27.29 -11.40
C GLY B 177 7.40 26.63 -11.78
N ASN B 178 8.46 26.99 -11.05
CA ASN B 178 9.77 26.48 -11.30
C ASN B 178 10.35 25.83 -10.09
N GLY B 179 10.96 24.69 -10.28
CA GLY B 179 11.77 24.10 -9.24
C GLY B 179 13.25 24.18 -9.59
N ASN B 180 14.09 23.96 -8.61
CA ASN B 180 15.51 24.19 -8.77
C ASN B 180 16.22 23.54 -7.63
N ILE B 181 16.85 22.40 -7.83
CA ILE B 181 17.61 21.68 -6.74
C ILE B 181 19.10 21.85 -7.00
N LYS B 182 19.83 22.34 -6.04
CA LYS B 182 21.25 22.63 -6.20
C LYS B 182 22.00 21.83 -5.19
N LEU B 183 22.70 20.80 -5.64
CA LEU B 183 23.61 19.99 -4.84
C LEU B 183 24.97 20.59 -4.86
N SER B 184 25.63 20.59 -3.71
CA SER B 184 27.01 21.03 -3.61
C SER B 184 27.90 19.82 -3.26
N GLN B 185 29.15 19.88 -3.72
CA GLN B 185 30.11 18.79 -3.45
C GLN B 185 30.42 18.68 -1.98
N THR B 186 30.49 17.43 -1.51
CA THR B 186 30.56 17.15 -0.08
C THR B 186 32.00 17.30 0.46
N GLU B 192 27.86 2.36 2.62
CA GLU B 192 28.57 3.47 3.26
C GLU B 192 28.92 4.53 2.22
N GLU B 193 27.93 5.37 1.90
CA GLU B 193 27.83 6.08 0.59
C GLU B 193 26.73 7.13 0.62
N GLU B 194 27.12 8.33 1.04
CA GLU B 194 26.22 9.42 1.43
C GLU B 194 26.58 10.84 0.94
N ALA B 195 27.63 10.99 0.12
CA ALA B 195 28.14 12.30 -0.30
C ALA B 195 28.23 12.46 -1.81
N VAL B 196 28.18 13.71 -2.28
CA VAL B 196 28.22 14.07 -3.69
C VAL B 196 29.64 14.44 -4.06
N THR B 197 30.07 13.95 -5.22
CA THR B 197 31.42 14.14 -5.73
C THR B 197 31.32 14.51 -7.19
N ILE B 198 32.01 15.55 -7.58
CA ILE B 198 32.03 15.99 -8.95
C ILE B 198 33.44 15.95 -9.40
N GLU B 199 33.67 15.36 -10.57
CA GLU B 199 34.93 15.45 -11.29
C GLU B 199 34.53 16.03 -12.62
N MET B 200 34.93 17.27 -12.85
CA MET B 200 34.57 17.98 -14.05
C MET B 200 35.79 18.64 -14.70
N ASN B 201 35.90 18.46 -16.02
CA ASN B 201 36.96 19.02 -16.85
C ASN B 201 36.50 20.30 -17.51
N GLU B 202 35.28 20.26 -18.07
CA GLU B 202 34.54 21.43 -18.55
C GLU B 202 33.16 21.47 -17.88
N PRO B 203 32.50 22.65 -17.85
CA PRO B 203 31.08 22.71 -17.47
C PRO B 203 30.14 22.23 -18.57
N VAL B 204 28.93 21.81 -18.19
CA VAL B 204 27.92 21.27 -19.10
C VAL B 204 26.50 21.55 -18.63
N GLN B 205 25.59 21.80 -19.56
CA GLN B 205 24.15 22.05 -19.27
C GLN B 205 23.34 21.30 -20.31
N LEU B 206 22.80 20.14 -19.94
CA LEU B 206 21.91 19.34 -20.81
C LEU B 206 20.54 19.23 -20.19
N THR B 207 19.57 18.92 -21.03
CA THR B 207 18.18 18.81 -20.65
C THR B 207 17.74 17.42 -21.02
N PHE B 208 17.10 16.74 -20.10
CA PHE B 208 16.64 15.38 -20.36
C PHE B 208 15.15 15.26 -19.97
N ALA B 209 14.52 14.19 -20.40
CA ALA B 209 13.12 13.93 -20.12
C ALA B 209 13.00 13.14 -18.86
N LEU B 210 12.25 13.65 -17.91
CA LEU B 210 12.13 13.01 -16.62
C LEU B 210 11.46 11.65 -16.71
N ARG B 211 10.67 11.43 -17.75
CA ARG B 211 9.95 10.18 -17.90
C ARG B 211 10.95 9.03 -17.93
N TYR B 212 12.08 9.27 -18.59
CA TYR B 212 13.08 8.23 -18.78
C TYR B 212 13.95 8.05 -17.57
N LEU B 213 14.45 9.19 -17.02
CA LEU B 213 15.20 9.17 -15.77
C LEU B 213 14.45 8.42 -14.70
N ASN B 214 13.11 8.56 -14.63
CA ASN B 214 12.35 7.90 -13.61
C ASN B 214 12.16 6.41 -13.88
N PHE B 215 12.36 5.94 -15.11
CA PHE B 215 12.55 4.50 -15.35
C PHE B 215 13.91 4.06 -14.80
N PHE B 216 14.95 4.86 -15.04
CA PHE B 216 16.33 4.48 -14.65
C PHE B 216 16.45 4.28 -13.15
N THR B 217 15.71 5.09 -12.40
CA THR B 217 15.80 5.05 -10.96
C THR B 217 15.11 3.83 -10.35
N LYS B 218 14.46 2.98 -11.17
CA LYS B 218 14.04 1.67 -10.68
C LYS B 218 15.22 0.74 -10.40
N ALA B 219 16.42 1.11 -10.88
CA ALA B 219 17.62 0.36 -10.57
C ALA B 219 18.08 0.68 -9.16
N THR B 220 17.44 1.65 -8.50
CA THR B 220 17.97 2.17 -7.23
C THR B 220 18.25 1.09 -6.19
N PRO B 221 17.39 0.05 -6.07
CA PRO B 221 17.66 -1.00 -5.11
C PRO B 221 18.94 -1.77 -5.29
N LEU B 222 19.56 -1.68 -6.47
CA LEU B 222 20.82 -2.39 -6.75
C LEU B 222 22.01 -1.70 -6.13
N SER B 223 21.93 -0.41 -5.87
CA SER B 223 23.08 0.35 -5.49
C SER B 223 22.78 1.56 -4.63
N SER B 224 23.57 1.74 -3.58
CA SER B 224 23.52 2.93 -2.74
C SER B 224 24.06 4.19 -3.41
N THR B 225 24.79 4.07 -4.54
CA THR B 225 25.25 5.24 -5.33
C THR B 225 24.85 5.16 -6.78
N VAL B 226 24.86 6.30 -7.45
CA VAL B 226 24.63 6.38 -8.86
C VAL B 226 25.65 7.34 -9.42
N THR B 227 26.02 7.16 -10.67
CA THR B 227 27.03 8.02 -11.29
C THR B 227 26.38 8.58 -12.50
N LEU B 228 26.39 9.89 -12.62
CA LEU B 228 25.96 10.57 -13.85
C LEU B 228 27.21 11.07 -14.63
N SER B 229 27.37 10.67 -15.89
CA SER B 229 28.46 11.24 -16.75
C SER B 229 27.86 12.05 -17.91
N MET B 230 28.34 13.25 -18.12
CA MET B 230 27.83 14.12 -19.17
C MET B 230 28.92 14.85 -19.98
N SER B 231 28.56 15.08 -21.23
CA SER B 231 29.34 15.89 -22.15
C SER B 231 28.34 16.46 -23.14
N ALA B 232 28.68 17.57 -23.76
CA ALA B 232 27.79 18.19 -24.76
C ALA B 232 27.36 17.24 -25.91
N ASP B 233 26.13 17.47 -26.38
CA ASP B 233 25.52 16.76 -27.51
C ASP B 233 25.64 15.25 -27.51
N VAL B 234 25.69 14.65 -26.32
CA VAL B 234 26.07 13.25 -26.14
C VAL B 234 25.21 12.64 -25.04
N PRO B 235 24.83 11.36 -25.18
CA PRO B 235 23.93 10.84 -24.17
C PRO B 235 24.47 10.83 -22.76
N LEU B 236 23.59 11.05 -21.78
CA LEU B 236 23.91 10.95 -20.36
C LEU B 236 24.08 9.50 -20.04
N VAL B 237 25.08 9.17 -19.23
CA VAL B 237 25.19 7.78 -18.70
C VAL B 237 24.85 7.87 -17.23
N VAL B 238 23.88 7.07 -16.81
CA VAL B 238 23.50 6.89 -15.43
C VAL B 238 23.94 5.48 -15.06
N GLU B 239 24.84 5.31 -14.13
CA GLU B 239 25.30 3.95 -13.80
C GLU B 239 25.08 3.47 -12.35
N TYR B 240 24.55 2.26 -12.24
CA TYR B 240 24.36 1.53 -11.01
C TYR B 240 25.33 0.35 -10.99
N LYS B 241 26.29 0.36 -10.07
CA LYS B 241 27.16 -0.85 -9.86
C LYS B 241 26.36 -1.92 -9.11
N ILE B 242 26.53 -3.18 -9.50
CA ILE B 242 25.82 -4.31 -8.92
C ILE B 242 26.88 -5.02 -8.13
N ALA B 243 26.72 -4.98 -6.83
CA ALA B 243 27.67 -5.59 -5.92
C ALA B 243 29.06 -5.95 -6.48
N ASP B 244 29.37 -7.23 -6.55
CA ASP B 244 30.64 -7.70 -7.06
C ASP B 244 30.28 -8.47 -8.30
N MET B 245 29.29 -7.99 -9.09
CA MET B 245 28.92 -8.68 -10.32
C MET B 245 29.18 -7.79 -11.51
N GLY B 246 28.76 -6.52 -11.44
CA GLY B 246 29.00 -5.63 -12.53
C GLY B 246 28.20 -4.39 -12.48
N HIS B 247 27.45 -4.11 -13.51
CA HIS B 247 26.81 -2.83 -13.59
C HIS B 247 25.57 -2.82 -14.44
N LEU B 248 24.82 -1.73 -14.31
CA LEU B 248 23.71 -1.46 -15.17
C LEU B 248 23.90 -0.03 -15.61
N LYS B 249 24.01 0.24 -16.91
CA LYS B 249 24.13 1.63 -17.39
C LYS B 249 22.96 1.94 -18.24
N TYR B 250 22.55 3.17 -18.23
CA TYR B 250 21.48 3.60 -19.07
C TYR B 250 22.00 4.85 -19.75
N TYR B 251 21.73 5.00 -21.04
CA TYR B 251 22.17 6.17 -21.81
C TYR B 251 20.94 6.87 -22.21
N LEU B 252 20.87 8.17 -22.05
CA LEU B 252 19.70 8.93 -22.49
C LEU B 252 20.19 10.07 -23.29
N ALA B 253 19.63 10.29 -24.47
CA ALA B 253 20.08 11.37 -25.35
C ALA B 253 19.47 12.67 -24.87
N PRO B 254 20.19 13.78 -25.03
CA PRO B 254 19.60 15.06 -24.59
C PRO B 254 18.40 15.56 -25.42
N LYS B 255 17.94 16.76 -25.09
CA LYS B 255 16.78 17.46 -25.65
C LYS B 255 15.50 16.81 -25.22
N MET C 2 -33.91 -16.30 23.05
CA MET C 2 -32.77 -15.68 22.28
C MET C 2 -31.45 -16.47 22.14
N PHE C 3 -30.77 -16.20 21.03
CA PHE C 3 -29.41 -16.60 20.80
C PHE C 3 -28.49 -15.49 21.24
N GLU C 4 -27.42 -15.82 21.94
CA GLU C 4 -26.42 -14.82 22.22
C GLU C 4 -25.08 -15.48 22.40
N ALA C 5 -24.05 -15.01 21.68
CA ALA C 5 -22.71 -15.57 21.73
C ALA C 5 -21.72 -14.45 21.89
N ARG C 6 -20.87 -14.50 22.91
CA ARG C 6 -19.83 -13.47 23.10
C ARG C 6 -18.50 -14.05 22.77
N LEU C 7 -17.73 -13.31 21.99
CA LEU C 7 -16.43 -13.74 21.47
C LEU C 7 -15.37 -12.69 21.83
N VAL C 8 -14.51 -13.01 22.78
CA VAL C 8 -13.48 -12.02 23.21
C VAL C 8 -12.47 -11.70 22.09
N GLN C 9 -12.10 -12.69 21.30
CA GLN C 9 -11.24 -12.48 20.12
C GLN C 9 -12.13 -12.28 18.88
N GLY C 10 -12.64 -11.07 18.74
CA GLY C 10 -13.46 -10.70 17.60
C GLY C 10 -12.81 -10.81 16.23
N SER C 11 -11.48 -10.76 16.21
CA SER C 11 -10.75 -10.85 14.98
C SER C 11 -10.92 -12.15 14.25
N ILE C 12 -11.27 -13.23 14.94
CA ILE C 12 -11.59 -14.51 14.28
C ILE C 12 -12.80 -14.38 13.39
N LEU C 13 -13.84 -13.77 13.92
CA LEU C 13 -15.09 -13.59 13.19
C LEU C 13 -14.96 -12.66 11.99
N LYS C 14 -14.03 -11.70 12.10
CA LYS C 14 -13.67 -10.83 10.99
C LYS C 14 -12.92 -11.58 9.94
N LYS C 15 -12.04 -12.45 10.39
CA LYS C 15 -11.28 -13.27 9.47
C LYS C 15 -12.12 -14.32 8.76
N VAL C 16 -13.07 -14.89 9.50
CA VAL C 16 -13.91 -15.95 8.98
C VAL C 16 -14.72 -15.34 7.87
N LEU C 17 -15.25 -14.13 8.07
CA LEU C 17 -16.03 -13.44 7.01
C LEU C 17 -15.23 -12.93 5.84
N GLU C 18 -14.00 -12.50 6.05
CA GLU C 18 -13.09 -12.30 4.94
C GLU C 18 -12.89 -13.58 4.13
N ALA C 19 -12.75 -14.73 4.79
CA ALA C 19 -12.51 -15.96 4.07
C ALA C 19 -13.69 -16.52 3.28
N LEU C 20 -14.91 -16.04 3.58
CA LEU C 20 -16.11 -16.53 2.93
C LEU C 20 -16.70 -15.59 1.91
N LYS C 21 -16.62 -14.29 2.16
CA LYS C 21 -17.34 -13.32 1.33
C LYS C 21 -16.96 -13.37 -0.14
N ASP C 22 -15.73 -13.69 -0.45
CA ASP C 22 -15.36 -13.75 -1.85
C ASP C 22 -15.98 -14.96 -2.54
N LEU C 23 -16.20 -16.04 -1.78
CA LEU C 23 -16.72 -17.31 -2.27
C LEU C 23 -18.24 -17.37 -2.22
N ILE C 24 -18.84 -16.82 -1.17
CA ILE C 24 -20.30 -16.89 -1.01
C ILE C 24 -20.79 -15.50 -0.69
N ASN C 25 -22.02 -15.18 -1.03
CA ASN C 25 -22.59 -13.89 -0.62
C ASN C 25 -23.78 -13.97 0.30
N GLU C 26 -24.41 -15.13 0.32
CA GLU C 26 -25.59 -15.40 1.10
C GLU C 26 -25.36 -16.73 1.80
N ALA C 27 -25.64 -16.81 3.09
CA ALA C 27 -25.56 -18.09 3.75
C ALA C 27 -26.42 -18.13 5.00
N CYS C 28 -26.92 -19.32 5.26
CA CYS C 28 -27.67 -19.57 6.42
C CYS C 28 -26.75 -20.01 7.53
N TRP C 29 -26.75 -19.28 8.63
CA TRP C 29 -26.06 -19.68 9.85
C TRP C 29 -26.93 -20.62 10.63
N ASP C 30 -26.42 -21.80 10.93
CA ASP C 30 -27.15 -22.81 11.65
C ASP C 30 -26.73 -22.74 13.05
N ILE C 31 -27.52 -22.05 13.84
CA ILE C 31 -27.25 -21.83 15.24
C ILE C 31 -27.87 -22.93 16.10
N SER C 32 -27.11 -23.50 17.03
CA SER C 32 -27.63 -24.48 17.96
C SER C 32 -26.74 -24.59 19.18
N SER C 33 -27.18 -25.39 20.14
CA SER C 33 -26.46 -25.63 21.41
C SER C 33 -25.02 -26.06 21.20
N SER C 34 -24.81 -26.88 20.19
CA SER C 34 -23.45 -27.37 19.86
C SER C 34 -22.61 -26.25 19.29
N GLY C 35 -23.25 -25.30 18.61
CA GLY C 35 -22.61 -24.07 18.21
C GLY C 35 -23.15 -23.59 16.86
N VAL C 36 -22.28 -22.89 16.14
CA VAL C 36 -22.59 -22.29 14.86
C VAL C 36 -22.03 -23.15 13.76
N ASN C 37 -22.86 -23.43 12.78
CA ASN C 37 -22.48 -24.19 11.66
C ASN C 37 -22.90 -23.41 10.45
N LEU C 38 -22.14 -23.48 9.40
CA LEU C 38 -22.53 -22.83 8.14
C LEU C 38 -22.01 -23.64 6.96
N GLN C 39 -22.82 -23.79 5.93
CA GLN C 39 -22.49 -24.73 4.87
C GLN C 39 -23.12 -24.30 3.58
N SER C 40 -22.34 -24.09 2.54
CA SER C 40 -22.83 -23.38 1.38
C SER C 40 -21.93 -23.54 0.19
N MET C 41 -22.51 -23.61 -1.00
CA MET C 41 -21.73 -23.76 -2.25
C MET C 41 -21.49 -22.42 -2.82
N ASP C 42 -20.40 -22.30 -3.55
CA ASP C 42 -20.11 -21.06 -4.30
C ASP C 42 -21.19 -20.84 -5.36
N SER C 43 -21.32 -19.58 -5.77
CA SER C 43 -22.28 -19.18 -6.81
C SER C 43 -22.42 -20.15 -7.97
N SER C 44 -21.33 -20.75 -8.40
CA SER C 44 -21.31 -21.71 -9.52
C SER C 44 -21.33 -23.20 -9.14
N HIS C 45 -21.56 -23.54 -7.87
CA HIS C 45 -21.64 -24.95 -7.43
C HIS C 45 -20.44 -25.84 -7.81
N VAL C 46 -19.26 -25.23 -7.89
CA VAL C 46 -17.99 -25.96 -8.05
C VAL C 46 -17.49 -26.38 -6.68
N SER C 47 -17.69 -25.52 -5.69
CA SER C 47 -17.09 -25.72 -4.39
C SER C 47 -18.09 -25.51 -3.28
N LEU C 48 -17.79 -26.12 -2.14
CA LEU C 48 -18.65 -26.09 -0.96
C LEU C 48 -17.75 -25.71 0.20
N VAL C 49 -18.19 -24.77 1.02
CA VAL C 49 -17.47 -24.39 2.21
C VAL C 49 -18.31 -24.76 3.42
N GLN C 50 -17.64 -25.20 4.49
CA GLN C 50 -18.28 -25.61 5.70
C GLN C 50 -17.58 -25.02 6.92
N LEU C 51 -18.24 -24.07 7.59
CA LEU C 51 -17.73 -23.46 8.83
C LEU C 51 -18.26 -24.13 10.10
N THR C 52 -17.42 -24.42 11.06
CA THR C 52 -17.78 -24.94 12.36
C THR C 52 -17.16 -24.07 13.45
N LEU C 53 -18.00 -23.53 14.34
CA LEU C 53 -17.55 -22.80 15.53
C LEU C 53 -18.26 -23.44 16.67
N ARG C 54 -17.54 -24.09 17.56
CA ARG C 54 -18.14 -24.81 18.67
C ARG C 54 -18.52 -23.84 19.77
N SER C 55 -19.60 -24.16 20.48
CA SER C 55 -20.10 -23.36 21.60
C SER C 55 -19.03 -23.07 22.65
N GLU C 56 -18.08 -24.00 22.81
CA GLU C 56 -17.05 -23.92 23.87
C GLU C 56 -15.96 -22.91 23.51
N GLY C 57 -15.82 -22.61 22.22
CA GLY C 57 -14.91 -21.60 21.77
C GLY C 57 -15.35 -20.20 22.11
N PHE C 58 -16.65 -20.01 22.24
CA PHE C 58 -17.18 -18.71 22.65
C PHE C 58 -16.99 -18.49 24.14
N ASP C 59 -16.91 -17.23 24.55
CA ASP C 59 -16.77 -16.85 25.94
C ASP C 59 -18.09 -16.94 26.68
N THR C 60 -19.18 -16.87 25.93
CA THR C 60 -20.51 -17.04 26.43
C THR C 60 -21.28 -17.59 25.26
N TYR C 61 -22.18 -18.53 25.46
CA TYR C 61 -23.01 -19.05 24.38
C TYR C 61 -24.32 -19.54 24.93
N ARG C 62 -25.42 -18.99 24.44
CA ARG C 62 -26.72 -19.35 24.87
C ARG C 62 -27.53 -19.51 23.63
N CYS C 63 -28.14 -20.66 23.45
CA CYS C 63 -29.04 -20.88 22.33
C CYS C 63 -30.36 -21.50 22.81
N ASP C 64 -31.40 -20.69 22.98
CA ASP C 64 -32.66 -21.18 23.58
C ASP C 64 -33.32 -22.21 22.69
N ARG C 65 -33.44 -21.89 21.40
CA ARG C 65 -33.82 -22.87 20.37
C ARG C 65 -32.95 -22.69 19.11
N ASN C 66 -32.87 -23.75 18.32
CA ASN C 66 -32.08 -23.71 17.11
C ASN C 66 -32.63 -22.68 16.12
N LEU C 67 -31.78 -21.89 15.48
CA LEU C 67 -32.22 -21.02 14.40
C LEU C 67 -31.42 -21.19 13.15
N ALA C 68 -32.03 -20.73 12.06
CA ALA C 68 -31.46 -20.78 10.77
C ALA C 68 -31.45 -19.36 10.33
N MET C 69 -30.40 -18.61 10.67
CA MET C 69 -30.26 -17.21 10.29
C MET C 69 -29.72 -17.11 8.91
N GLY C 70 -30.45 -16.47 8.01
CA GLY C 70 -29.99 -16.20 6.65
C GLY C 70 -29.38 -14.83 6.63
N VAL C 71 -28.12 -14.76 6.23
CA VAL C 71 -27.29 -13.59 6.41
C VAL C 71 -26.64 -13.28 5.08
N ASN C 72 -26.69 -12.02 4.69
CA ASN C 72 -25.84 -11.57 3.60
C ASN C 72 -24.37 -11.38 4.08
N LEU C 73 -23.46 -12.21 3.55
CA LEU C 73 -22.09 -12.23 4.03
C LEU C 73 -21.32 -10.96 3.66
N THR C 74 -21.72 -10.36 2.53
CA THR C 74 -21.15 -9.08 2.13
C THR C 74 -21.52 -7.97 3.12
N SER C 75 -22.79 -7.85 3.47
CA SER C 75 -23.22 -6.87 4.44
C SER C 75 -22.55 -7.12 5.78
N MET C 76 -22.46 -8.39 6.18
CA MET C 76 -21.96 -8.73 7.51
C MET C 76 -20.46 -8.46 7.60
N SER C 77 -19.74 -8.68 6.50
CA SER C 77 -18.34 -8.35 6.45
C SER C 77 -18.11 -6.84 6.57
N LYS C 78 -18.88 -6.06 5.81
CA LYS C 78 -18.89 -4.56 5.95
C LYS C 78 -19.15 -4.07 7.37
N ILE C 79 -20.17 -4.63 8.01
CA ILE C 79 -20.44 -4.33 9.39
C ILE C 79 -19.27 -4.74 10.29
N LEU C 80 -18.58 -5.85 9.96
CA LEU C 80 -17.45 -6.31 10.80
C LEU C 80 -16.25 -5.46 10.61
N LYS C 81 -16.18 -4.73 9.51
CA LYS C 81 -15.06 -3.81 9.30
C LYS C 81 -15.12 -2.61 10.25
N CYS C 82 -16.27 -2.36 10.84
CA CYS C 82 -16.40 -1.40 11.92
C CYS C 82 -16.06 -1.95 13.28
N ALA C 83 -15.44 -3.13 13.34
CA ALA C 83 -15.00 -3.68 14.62
C ALA C 83 -13.51 -3.54 14.63
N GLY C 84 -12.98 -3.01 15.72
CA GLY C 84 -11.57 -3.05 15.98
C GLY C 84 -11.09 -4.46 16.20
N ASN C 85 -9.87 -4.73 15.72
CA ASN C 85 -9.22 -6.04 15.83
C ASN C 85 -9.01 -6.58 17.23
N GLU C 86 -9.09 -5.72 18.24
CA GLU C 86 -9.06 -6.16 19.65
C GLU C 86 -10.45 -6.12 20.34
N ASP C 87 -11.52 -5.88 19.59
CA ASP C 87 -12.84 -5.70 20.20
C ASP C 87 -13.42 -7.03 20.66
N ILE C 88 -14.36 -6.96 21.58
CA ILE C 88 -15.14 -8.08 22.02
C ILE C 88 -16.36 -8.00 21.14
N ILE C 89 -16.62 -9.02 20.32
CA ILE C 89 -17.81 -9.07 19.48
C ILE C 89 -18.87 -9.97 20.15
N THR C 90 -20.13 -9.47 20.19
CA THR C 90 -21.27 -10.23 20.70
C THR C 90 -22.38 -10.25 19.69
N LEU C 91 -22.86 -11.44 19.37
CA LEU C 91 -23.90 -11.67 18.39
C LEU C 91 -25.12 -11.97 19.21
N ARG C 92 -26.24 -11.42 18.80
CA ARG C 92 -27.46 -11.61 19.54
C ARG C 92 -28.59 -11.58 18.54
N ALA C 93 -29.45 -12.58 18.63
CA ALA C 93 -30.63 -12.70 17.80
C ALA C 93 -31.78 -13.20 18.67
N GLU C 94 -32.94 -12.55 18.58
CA GLU C 94 -34.13 -12.98 19.35
C GLU C 94 -35.02 -13.79 18.43
N ASP C 95 -35.27 -15.05 18.79
CA ASP C 95 -36.02 -16.06 17.99
C ASP C 95 -37.05 -15.61 16.92
N ASN C 96 -37.93 -14.67 17.28
CA ASN C 96 -38.88 -14.06 16.34
C ASN C 96 -38.59 -12.56 16.22
N ALA C 97 -37.47 -12.33 15.55
CA ALA C 97 -37.12 -11.09 14.88
C ALA C 97 -36.30 -11.49 13.66
N ASP C 98 -36.27 -10.62 12.64
CA ASP C 98 -35.43 -10.79 11.47
C ASP C 98 -34.31 -9.72 11.49
N THR C 99 -33.55 -9.74 12.57
CA THR C 99 -32.45 -8.82 12.70
C THR C 99 -31.40 -9.41 13.61
N LEU C 100 -30.14 -9.41 13.16
CA LEU C 100 -29.02 -9.82 13.99
C LEU C 100 -28.42 -8.57 14.53
N ALA C 101 -28.17 -8.55 15.84
CA ALA C 101 -27.43 -7.46 16.49
C ALA C 101 -25.95 -7.83 16.65
N LEU C 102 -25.05 -6.94 16.24
CA LEU C 102 -23.64 -7.09 16.53
C LEU C 102 -23.27 -6.00 17.52
N VAL C 103 -22.52 -6.35 18.55
CA VAL C 103 -22.03 -5.35 19.47
C VAL C 103 -20.57 -5.49 19.67
N PHE C 104 -19.85 -4.44 19.37
CA PHE C 104 -18.40 -4.39 19.50
C PHE C 104 -18.08 -3.56 20.74
N GLU C 105 -17.41 -4.16 21.73
CA GLU C 105 -17.00 -3.46 22.94
C GLU C 105 -15.48 -3.21 22.83
N ALA C 106 -15.09 -1.98 23.11
CA ALA C 106 -13.69 -1.64 23.21
C ALA C 106 -13.13 -2.24 24.49
N PRO C 107 -11.90 -2.77 24.45
CA PRO C 107 -11.27 -3.27 25.68
C PRO C 107 -11.36 -2.29 26.86
N ASN C 108 -10.97 -1.02 26.64
CA ASN C 108 -11.25 0.08 27.59
C ASN C 108 -12.68 0.13 28.14
N GLN C 109 -13.65 -0.13 27.26
CA GLN C 109 -15.08 -0.14 27.59
C GLN C 109 -15.71 1.26 27.66
N GLU C 110 -15.11 2.22 26.94
CA GLU C 110 -15.71 3.55 26.70
C GLU C 110 -16.48 3.53 25.39
N LYS C 111 -15.82 3.07 24.33
CA LYS C 111 -16.41 2.96 23.00
C LYS C 111 -17.18 1.65 22.98
N VAL C 112 -18.51 1.73 22.82
CA VAL C 112 -19.33 0.55 22.49
C VAL C 112 -20.16 0.82 21.26
N SER C 113 -19.99 -0.02 20.24
CA SER C 113 -20.71 0.06 18.98
C SER C 113 -21.80 -0.99 18.91
N ASP C 114 -22.87 -0.68 18.22
CA ASP C 114 -24.05 -1.54 18.18
C ASP C 114 -24.53 -1.43 16.78
N TYR C 115 -24.56 -2.56 16.08
CA TYR C 115 -25.09 -2.63 14.75
C TYR C 115 -26.28 -3.56 14.72
N GLU C 116 -27.25 -3.26 13.89
CA GLU C 116 -28.34 -4.18 13.68
C GLU C 116 -28.36 -4.42 12.21
N MET C 117 -28.45 -5.69 11.86
CA MET C 117 -28.29 -6.14 10.52
C MET C 117 -29.56 -6.85 10.10
N LYS C 118 -30.07 -6.47 8.94
CA LYS C 118 -31.26 -7.13 8.37
C LYS C 118 -30.88 -8.56 7.97
N LEU C 119 -31.63 -9.55 8.45
CA LEU C 119 -31.41 -10.93 8.00
C LEU C 119 -32.16 -11.14 6.70
N MET C 120 -31.85 -12.28 6.05
CA MET C 120 -32.50 -12.77 4.83
C MET C 120 -33.32 -13.99 5.17
N ASP C 121 -34.36 -14.29 4.39
CA ASP C 121 -35.09 -15.56 4.46
C ASP C 121 -34.62 -16.50 3.32
N LEU C 122 -33.64 -17.34 3.64
CA LEU C 122 -33.02 -18.29 2.71
C LEU C 122 -33.08 -19.69 3.32
N ASP C 123 -33.18 -20.72 2.48
CA ASP C 123 -33.31 -22.15 2.94
C ASP C 123 -32.14 -22.66 3.82
N VAL C 124 -31.25 -23.54 3.33
CA VAL C 124 -30.09 -24.02 4.15
C VAL C 124 -29.18 -25.12 3.57
N GLU C 125 -29.76 -26.00 2.75
CA GLU C 125 -29.10 -27.18 2.35
C GLU C 125 -28.20 -26.95 1.17
N GLN C 126 -26.95 -26.74 1.50
CA GLN C 126 -25.98 -27.43 0.73
C GLN C 126 -26.17 -28.74 1.53
N LEU C 127 -26.39 -29.85 0.81
CA LEU C 127 -25.99 -31.13 1.37
C LEU C 127 -24.41 -31.00 1.66
N GLY C 128 -24.00 -31.16 2.93
CA GLY C 128 -22.66 -31.49 3.26
C GLY C 128 -22.02 -32.78 2.78
N ILE C 129 -20.77 -32.96 3.24
CA ILE C 129 -19.98 -34.14 2.96
C ILE C 129 -19.82 -34.88 4.28
N PRO C 130 -20.16 -36.17 4.31
CA PRO C 130 -19.84 -36.92 5.54
C PRO C 130 -18.30 -37.17 5.75
N GLU C 131 -17.91 -37.35 7.01
CA GLU C 131 -16.57 -37.58 7.41
C GLU C 131 -16.04 -38.83 6.76
N GLN C 132 -14.83 -38.76 6.24
CA GLN C 132 -14.19 -39.91 5.73
C GLN C 132 -12.67 -39.86 5.92
N GLU C 133 -12.04 -40.92 5.50
CA GLU C 133 -10.61 -41.13 5.54
C GLU C 133 -10.18 -40.97 4.10
N TYR C 134 -9.01 -40.36 3.85
CA TYR C 134 -8.58 -40.05 2.50
C TYR C 134 -7.24 -40.72 2.17
N SER C 135 -6.95 -40.95 0.88
CA SER C 135 -5.71 -41.60 0.44
C SER C 135 -4.41 -40.85 0.83
N CYS C 136 -4.31 -39.56 0.50
CA CYS C 136 -3.12 -38.73 0.85
C CYS C 136 -3.58 -37.52 1.66
N VAL C 137 -2.97 -37.30 2.83
CA VAL C 137 -3.20 -36.10 3.59
C VAL C 137 -1.94 -35.32 3.79
N VAL C 138 -1.87 -34.15 3.14
CA VAL C 138 -0.69 -33.30 3.17
C VAL C 138 -0.96 -32.26 4.22
N LYS C 139 0.01 -31.97 5.07
CA LYS C 139 -0.16 -30.93 6.03
C LYS C 139 0.95 -30.02 5.87
N MET C 140 0.68 -28.74 5.78
CA MET C 140 1.76 -27.83 5.41
C MET C 140 1.49 -26.40 5.87
N PRO C 141 2.53 -25.56 5.93
CA PRO C 141 2.28 -24.19 6.36
C PRO C 141 1.33 -23.53 5.38
N SER C 142 0.35 -22.83 5.90
CA SER C 142 -0.65 -22.26 5.01
C SER C 142 -0.10 -21.20 4.05
N GLY C 143 0.92 -20.43 4.46
CA GLY C 143 1.48 -19.33 3.67
C GLY C 143 2.38 -19.82 2.54
N GLU C 144 3.02 -20.95 2.77
CA GLU C 144 3.60 -21.73 1.70
C GLU C 144 2.54 -22.14 0.70
N PHE C 145 1.44 -22.77 1.17
CA PHE C 145 0.37 -23.23 0.29
C PHE C 145 -0.28 -22.07 -0.47
N ALA C 146 -0.35 -20.94 0.16
CA ALA C 146 -0.96 -19.78 -0.49
C ALA C 146 -0.07 -19.26 -1.56
N ARG C 147 1.23 -19.30 -1.26
CA ARG C 147 2.23 -18.81 -2.18
C ARG C 147 2.29 -19.73 -3.37
N ILE C 148 2.31 -21.06 -3.13
CA ILE C 148 2.32 -22.02 -4.19
C ILE C 148 1.17 -21.77 -5.14
N CYS C 149 -0.02 -21.56 -4.60
CA CYS C 149 -1.18 -21.36 -5.44
C CYS C 149 -1.11 -20.06 -6.21
N ARG C 150 -0.50 -19.05 -5.65
CA ARG C 150 -0.39 -17.76 -6.31
C ARG C 150 0.61 -17.78 -7.45
N ASP C 151 1.80 -18.33 -7.18
CA ASP C 151 2.87 -18.50 -8.15
C ASP C 151 2.36 -19.25 -9.38
N LEU C 152 1.76 -20.42 -9.18
CA LEU C 152 1.41 -21.25 -10.31
C LEU C 152 0.21 -20.67 -11.05
N SER C 153 -0.62 -19.86 -10.39
CA SER C 153 -1.66 -19.16 -11.10
C SER C 153 -1.09 -18.14 -12.11
N HIS C 154 0.15 -17.70 -11.93
CA HIS C 154 0.87 -16.91 -12.98
C HIS C 154 1.38 -17.69 -14.20
N ILE C 155 1.45 -19.01 -14.11
CA ILE C 155 1.78 -19.87 -15.19
C ILE C 155 0.53 -20.46 -15.88
N GLY C 156 -0.44 -20.93 -15.10
CA GLY C 156 -1.59 -21.66 -15.65
C GLY C 156 -2.84 -21.49 -14.83
N ASP C 157 -3.91 -22.07 -15.31
CA ASP C 157 -5.17 -21.92 -14.67
C ASP C 157 -5.51 -23.13 -13.84
N ALA C 158 -4.83 -24.24 -14.06
CA ALA C 158 -5.02 -25.48 -13.35
C ALA C 158 -3.73 -25.90 -12.71
N VAL C 159 -3.81 -26.59 -11.58
CA VAL C 159 -2.63 -27.14 -10.91
C VAL C 159 -2.87 -28.62 -10.79
N VAL C 160 -1.82 -29.41 -10.99
CA VAL C 160 -1.89 -30.85 -10.93
C VAL C 160 -1.11 -31.22 -9.67
N ILE C 161 -1.84 -31.70 -8.65
CA ILE C 161 -1.24 -32.06 -7.35
C ILE C 161 -0.97 -33.55 -7.39
N SER C 162 0.29 -33.91 -7.23
CA SER C 162 0.75 -35.32 -7.27
C SER C 162 1.40 -35.62 -5.95
N CYS C 163 0.95 -36.67 -5.27
CA CYS C 163 1.41 -37.01 -3.94
C CYS C 163 2.00 -38.44 -3.95
N ALA C 164 3.09 -38.59 -3.19
CA ALA C 164 3.79 -39.85 -3.00
C ALA C 164 4.30 -39.88 -1.54
N LYS C 165 4.77 -41.04 -1.06
CA LYS C 165 5.11 -41.18 0.39
C LYS C 165 6.00 -40.02 0.90
N ASP C 166 7.01 -39.70 0.09
CA ASP C 166 8.02 -38.72 0.45
C ASP C 166 7.55 -37.26 0.24
N GLY C 167 6.82 -37.01 -0.85
CA GLY C 167 6.55 -35.65 -1.24
C GLY C 167 5.36 -35.43 -2.13
N VAL C 168 4.92 -34.18 -2.14
CA VAL C 168 3.86 -33.73 -3.00
C VAL C 168 4.48 -32.78 -4.00
N LYS C 169 3.91 -32.75 -5.21
CA LYS C 169 4.32 -31.85 -6.28
C LYS C 169 3.16 -31.10 -6.86
N PHE C 170 3.34 -29.83 -7.10
CA PHE C 170 2.35 -28.97 -7.72
C PHE C 170 2.89 -28.53 -9.08
N SER C 171 2.14 -28.71 -10.15
CA SER C 171 2.54 -28.33 -11.49
C SER C 171 1.47 -27.48 -12.29
N ALA C 172 1.94 -26.53 -13.09
CA ALA C 172 1.09 -25.77 -13.95
C ALA C 172 1.86 -25.46 -15.23
N SER C 173 1.14 -25.00 -16.24
CA SER C 173 1.63 -25.04 -17.60
C SER C 173 0.78 -24.12 -18.42
N GLY C 174 1.43 -23.25 -19.19
CA GLY C 174 0.74 -22.22 -19.99
C GLY C 174 1.56 -21.57 -21.06
N GLU C 175 1.20 -20.34 -21.40
CA GLU C 175 1.84 -19.58 -22.48
C GLU C 175 3.33 -19.28 -22.20
N LEU C 176 3.65 -18.81 -20.99
CA LEU C 176 5.05 -18.57 -20.56
C LEU C 176 5.88 -19.86 -20.50
N GLY C 177 5.24 -21.01 -20.24
CA GLY C 177 5.95 -22.26 -20.03
C GLY C 177 5.35 -23.15 -18.95
N ASN C 178 6.20 -23.87 -18.22
CA ASN C 178 5.76 -24.79 -17.18
C ASN C 178 6.38 -24.52 -15.86
N GLY C 179 5.61 -24.58 -14.79
CA GLY C 179 6.14 -24.51 -13.45
C GLY C 179 5.94 -25.80 -12.74
N ASN C 180 6.62 -25.96 -11.62
CA ASN C 180 6.68 -27.23 -10.98
C ASN C 180 7.27 -27.05 -9.60
N ILE C 181 6.46 -27.14 -8.55
CA ILE C 181 6.95 -26.99 -7.16
C ILE C 181 6.90 -28.35 -6.50
N LYS C 182 8.00 -28.79 -5.93
CA LYS C 182 8.11 -30.13 -5.32
C LYS C 182 8.48 -29.94 -3.87
N LEU C 183 7.53 -30.21 -2.99
CA LEU C 183 7.74 -30.20 -1.54
C LEU C 183 8.15 -31.56 -1.10
N SER C 184 9.08 -31.62 -0.17
CA SER C 184 9.46 -32.88 0.45
C SER C 184 9.07 -32.88 1.90
N GLN C 185 8.77 -34.05 2.44
CA GLN C 185 8.43 -34.20 3.86
C GLN C 185 9.57 -33.85 4.78
N THR C 186 9.22 -33.08 5.82
CA THR C 186 10.14 -32.19 6.49
C THR C 186 9.67 -31.90 7.94
N GLU C 194 5.41 -24.89 10.39
CA GLU C 194 6.78 -24.78 9.83
C GLU C 194 7.20 -25.90 8.82
N ALA C 195 6.66 -27.12 8.99
CA ALA C 195 7.10 -28.31 8.26
C ALA C 195 5.97 -29.05 7.53
N VAL C 196 6.34 -29.79 6.49
CA VAL C 196 5.41 -30.52 5.66
C VAL C 196 5.36 -31.94 6.14
N THR C 197 4.16 -32.49 6.21
CA THR C 197 3.91 -33.83 6.70
C THR C 197 2.93 -34.51 5.75
N ILE C 198 3.25 -35.72 5.32
CA ILE C 198 2.40 -36.46 4.45
C ILE C 198 2.07 -37.71 5.15
N GLU C 199 0.78 -38.05 5.18
CA GLU C 199 0.28 -39.33 5.62
C GLU C 199 -0.48 -39.82 4.41
N MET C 200 0.06 -40.84 3.76
CA MET C 200 -0.52 -41.38 2.56
C MET C 200 -0.64 -42.90 2.64
N ASN C 201 -1.81 -43.41 2.24
CA ASN C 201 -2.10 -44.84 2.18
C ASN C 201 -1.86 -45.32 0.74
N GLU C 202 -2.38 -44.54 -0.23
CA GLU C 202 -2.14 -44.72 -1.67
C GLU C 202 -1.61 -43.41 -2.26
N PRO C 203 -0.92 -43.46 -3.43
CA PRO C 203 -0.59 -42.24 -4.18
C PRO C 203 -1.78 -41.69 -4.94
N VAL C 204 -1.77 -40.38 -5.18
CA VAL C 204 -2.91 -39.61 -5.71
C VAL C 204 -2.43 -38.52 -6.67
N GLN C 205 -3.08 -38.35 -7.81
CA GLN C 205 -2.76 -37.22 -8.72
C GLN C 205 -4.07 -36.64 -9.26
N LEU C 206 -4.47 -35.49 -8.70
CA LEU C 206 -5.67 -34.76 -9.13
C LEU C 206 -5.29 -33.37 -9.64
N THR C 207 -6.19 -32.78 -10.42
CA THR C 207 -5.98 -31.51 -11.05
C THR C 207 -7.08 -30.63 -10.60
N PHE C 208 -6.77 -29.39 -10.20
CA PHE C 208 -7.78 -28.51 -9.70
C PHE C 208 -7.63 -27.17 -10.36
N ALA C 209 -8.65 -26.33 -10.26
CA ALA C 209 -8.59 -25.01 -10.81
C ALA C 209 -8.01 -24.03 -9.77
N LEU C 210 -6.97 -23.32 -10.14
CA LEU C 210 -6.32 -22.41 -9.25
C LEU C 210 -7.20 -21.27 -8.84
N ARG C 211 -8.20 -20.93 -9.65
CA ARG C 211 -9.10 -19.80 -9.36
C ARG C 211 -9.75 -20.02 -8.01
N TYR C 212 -10.12 -21.27 -7.73
CA TYR C 212 -10.80 -21.62 -6.54
C TYR C 212 -9.90 -21.73 -5.34
N LEU C 213 -8.79 -22.44 -5.53
CA LEU C 213 -7.76 -22.59 -4.50
C LEU C 213 -7.35 -21.22 -4.00
N ASN C 214 -7.28 -20.24 -4.87
CA ASN C 214 -6.89 -18.93 -4.44
C ASN C 214 -7.96 -18.17 -3.67
N PHE C 215 -9.22 -18.55 -3.78
CA PHE C 215 -10.22 -18.09 -2.83
C PHE C 215 -10.03 -18.75 -1.47
N PHE C 216 -9.74 -20.04 -1.46
CA PHE C 216 -9.58 -20.81 -0.23
C PHE C 216 -8.47 -20.29 0.62
N THR C 217 -7.43 -19.78 -0.02
CA THR C 217 -6.28 -19.29 0.71
C THR C 217 -6.53 -17.94 1.36
N LYS C 218 -7.70 -17.36 1.17
CA LYS C 218 -8.08 -16.21 1.98
C LYS C 218 -8.44 -16.59 3.45
N ALA C 219 -8.55 -17.87 3.73
CA ALA C 219 -8.60 -18.33 5.06
C ALA C 219 -7.27 -18.31 5.78
N THR C 220 -6.18 -17.98 5.07
CA THR C 220 -4.82 -18.15 5.59
C THR C 220 -4.58 -17.50 6.91
N PRO C 221 -5.14 -16.32 7.14
CA PRO C 221 -4.96 -15.68 8.45
C PRO C 221 -5.53 -16.40 9.66
N LEU C 222 -6.41 -17.36 9.47
CA LEU C 222 -6.95 -18.13 10.55
C LEU C 222 -6.00 -19.13 11.13
N SER C 223 -5.07 -19.60 10.34
CA SER C 223 -4.28 -20.75 10.69
C SER C 223 -2.88 -20.73 10.08
N SER C 224 -1.91 -21.01 10.93
CA SER C 224 -0.53 -21.20 10.49
C SER C 224 -0.29 -22.50 9.70
N THR C 225 -1.24 -23.45 9.71
CA THR C 225 -1.19 -24.64 8.85
C THR C 225 -2.45 -24.82 8.02
N VAL C 226 -2.35 -25.63 6.96
CA VAL C 226 -3.43 -26.00 6.16
C VAL C 226 -3.28 -27.46 5.90
N THR C 227 -4.40 -28.16 5.71
CA THR C 227 -4.34 -29.59 5.50
C THR C 227 -5.02 -29.78 4.18
N LEU C 228 -4.38 -30.49 3.27
CA LEU C 228 -5.01 -31.00 2.03
C LEU C 228 -5.29 -32.51 2.13
N SER C 229 -6.53 -32.95 1.97
CA SER C 229 -6.88 -34.38 1.94
C SER C 229 -7.41 -34.79 0.57
N MET C 230 -6.86 -35.85 0.00
CA MET C 230 -7.22 -36.24 -1.35
C MET C 230 -7.42 -37.76 -1.48
N SER C 231 -8.28 -38.10 -2.42
CA SER C 231 -8.52 -39.45 -2.84
C SER C 231 -9.04 -39.33 -4.26
N ALA C 232 -8.91 -40.40 -5.04
CA ALA C 232 -9.33 -40.39 -6.43
C ALA C 232 -10.80 -40.05 -6.61
N ASP C 233 -11.07 -39.37 -7.71
CA ASP C 233 -12.43 -39.12 -8.12
C ASP C 233 -13.35 -38.52 -7.02
N VAL C 234 -12.75 -37.75 -6.12
CA VAL C 234 -13.43 -37.21 -4.93
C VAL C 234 -12.93 -35.79 -4.65
N PRO C 235 -13.79 -34.90 -4.11
CA PRO C 235 -13.31 -33.51 -3.89
C PRO C 235 -12.12 -33.41 -2.93
N LEU C 236 -11.22 -32.49 -3.21
CA LEU C 236 -10.14 -32.13 -2.31
C LEU C 236 -10.78 -31.43 -1.11
N VAL C 237 -10.29 -31.74 0.09
CA VAL C 237 -10.63 -30.96 1.27
C VAL C 237 -9.40 -30.14 1.69
N VAL C 238 -9.57 -28.83 1.76
CA VAL C 238 -8.56 -27.90 2.24
C VAL C 238 -9.12 -27.45 3.60
N GLU C 239 -8.44 -27.73 4.70
CA GLU C 239 -8.93 -27.32 5.96
C GLU C 239 -8.03 -26.34 6.72
N TYR C 240 -8.64 -25.26 7.22
CA TYR C 240 -8.06 -24.34 8.16
C TYR C 240 -8.67 -24.50 9.56
N LYS C 241 -7.89 -24.93 10.55
CA LYS C 241 -8.42 -25.04 11.94
C LYS C 241 -8.47 -23.65 12.50
N ILE C 242 -9.51 -23.37 13.28
CA ILE C 242 -9.72 -22.05 13.89
C ILE C 242 -9.49 -22.20 15.38
N ALA C 243 -8.47 -21.48 15.87
CA ALA C 243 -8.07 -21.28 17.28
C ALA C 243 -9.07 -21.71 18.30
N ASP C 244 -9.14 -23.01 18.56
CA ASP C 244 -9.93 -23.50 19.66
C ASP C 244 -11.44 -23.44 19.49
N MET C 245 -11.88 -23.22 18.27
CA MET C 245 -13.31 -23.11 17.96
C MET C 245 -13.74 -24.18 16.99
N GLY C 246 -12.94 -24.40 15.95
CA GLY C 246 -13.33 -25.40 15.01
C GLY C 246 -12.59 -25.32 13.73
N HIS C 247 -13.31 -25.19 12.63
CA HIS C 247 -12.63 -25.28 11.36
C HIS C 247 -13.36 -24.60 10.21
N LEU C 248 -12.65 -24.48 9.10
CA LEU C 248 -13.21 -24.02 7.87
C LEU C 248 -12.72 -25.00 6.87
N LYS C 249 -13.62 -25.72 6.19
CA LYS C 249 -13.25 -26.65 5.16
C LYS C 249 -13.83 -26.21 3.84
N TYR C 250 -13.09 -26.44 2.78
CA TYR C 250 -13.51 -26.09 1.44
C TYR C 250 -13.27 -27.35 0.62
N TYR C 251 -14.25 -27.72 -0.18
CA TYR C 251 -14.19 -28.95 -0.98
C TYR C 251 -14.16 -28.44 -2.39
N LEU C 252 -13.22 -28.93 -3.20
CA LEU C 252 -13.20 -28.58 -4.61
C LEU C 252 -13.16 -29.84 -5.36
N ALA C 253 -14.02 -29.97 -6.36
CA ALA C 253 -14.08 -31.22 -7.14
C ALA C 253 -12.96 -31.19 -8.13
N PRO C 254 -12.36 -32.35 -8.45
CA PRO C 254 -11.30 -32.33 -9.46
C PRO C 254 -11.92 -31.96 -10.81
#